data_3VTA
#
_entry.id   3VTA
#
_cell.length_a   149.483
_cell.length_b   149.483
_cell.length_c   218.035
_cell.angle_alpha   90.00
_cell.angle_beta   90.00
_cell.angle_gamma   120.00
#
_symmetry.space_group_name_H-M   'H 3'
#
loop_
_entity.id
_entity.type
_entity.pdbx_description
1 polymer Cucumisin
2 branched alpha-D-mannopyranose-(1-6)-beta-D-mannopyranose-(1-4)-2-acetamido-2-deoxy-beta-D-glucopyranose-(1-4)-[alpha-L-fucopyranose-(1-3)]2-acetamido-2-deoxy-beta-D-glucopyranose
3 branched alpha-L-fucopyranose-(1-3)-[2-acetamido-2-deoxy-beta-D-glucopyranose-(1-4)]2-acetamido-2-deoxy-beta-D-glucopyranose
4 non-polymer 'DIISOPROPYL PHOSPHONATE'
5 water water
#
_entity_poly.entity_id   1
_entity_poly.type   'polypeptide(L)'
_entity_poly.pdbx_seq_one_letter_code
;TTRSWDFLGFPLTVPRRSQVESNIVVGVLDTGIWPESPSFDDEGFSPPPPKWKGTCETSNNFRCNRKIIGARSYHIGRPI
SPGDVNGPRDTNGHGTHTASTAAGGLVSQANLYGLGLGTARGGVPLARIAAYKVCWNDGCSDTDILAAYDDAIADGVDII
SLSVGGANPRHYFVDAIAIGSFHAVERGILTSNSAGNGGPNFFTTASLSPWLLSVAASTMDRKFVTQVQIGNGQSFQGVS
INTFDNQYYPLVSGRDIPNTGFDKSTSRFCTDKSVNPNLLKGKIVVCEASFGPHEFFKSLDGAAGVLMTSNTRDYADSYP
LPSSVLDPNDLLATLRYIYSIRSPGATIFKSTTILNASAPVVVSFSSRGPNRATKDVIKPDISGPGVEILAAWPSVAPVG
GIRRNTLFNIISGTSMSCPHITGIATYVKTYNPTWSPAAIKSALMTTASPMNARFNPQAEFAYGSGHVNPLKAVRPGLVY
DANESDYVKFLCGQGYNTQAVRRITGDYSACTSGNTGRVWDLNYPSFGLSVSPSQTFNQYFNRTLTSVAPQASTYRAMIS
APQGLTISVNPNVLSFNGLGDRKSFTLTVRGSIKGFVVSASLVWSDGVHYVRSPITITSLV
;
_entity_poly.pdbx_strand_id   A,B
#
# COMPACT_ATOMS: atom_id res chain seq x y z
N THR A 1 -4.15 2.39 -18.02
CA THR A 1 -4.19 0.89 -18.27
C THR A 1 -2.81 0.41 -18.66
N THR A 2 -1.97 1.37 -19.05
CA THR A 2 -0.58 1.12 -19.39
C THR A 2 0.11 1.12 -18.03
N ARG A 3 -0.67 1.46 -16.98
CA ARG A 3 -0.15 1.51 -15.62
C ARG A 3 -1.04 0.94 -14.52
N SER A 4 -2.36 0.98 -14.67
CA SER A 4 -3.25 0.49 -13.62
C SER A 4 -3.03 -0.96 -13.23
N TRP A 5 -2.98 -1.82 -14.23
CA TRP A 5 -2.79 -3.25 -13.98
C TRP A 5 -1.54 -3.52 -13.14
N ASP A 6 -0.43 -2.85 -13.45
CA ASP A 6 0.81 -3.02 -12.70
C ASP A 6 0.66 -2.47 -11.29
N PHE A 7 -0.15 -1.42 -11.17
CA PHE A 7 -0.42 -0.78 -9.90
C PHE A 7 -1.23 -1.70 -8.99
N LEU A 8 -1.94 -2.63 -9.60
CA LEU A 8 -2.78 -3.61 -8.89
C LEU A 8 -1.99 -4.88 -8.63
N GLY A 9 -0.75 -4.91 -9.11
CA GLY A 9 0.08 -6.09 -8.90
C GLY A 9 -0.32 -7.16 -9.88
N PHE A 10 -0.79 -6.74 -11.05
CA PHE A 10 -1.20 -7.69 -12.11
C PHE A 10 -0.28 -7.44 -13.30
N PRO A 11 0.97 -7.93 -13.24
CA PRO A 11 2.02 -7.81 -14.26
C PRO A 11 1.70 -8.53 -15.55
N LEU A 12 2.49 -8.23 -16.57
CA LEU A 12 2.33 -8.86 -17.89
C LEU A 12 2.71 -10.33 -17.74
N THR A 13 3.39 -10.65 -16.65
CA THR A 13 3.87 -12.00 -16.43
C THR A 13 3.04 -12.86 -15.48
N VAL A 14 1.79 -12.49 -15.24
CA VAL A 14 0.99 -13.30 -14.33
C VAL A 14 0.66 -14.63 -14.97
N PRO A 15 0.53 -15.69 -14.15
CA PRO A 15 0.19 -17.03 -14.61
C PRO A 15 -1.18 -16.96 -15.26
N ARG A 16 -1.43 -17.85 -16.22
CA ARG A 16 -2.71 -17.88 -16.92
C ARG A 16 -3.27 -19.29 -17.06
N ARG A 17 -4.50 -19.36 -17.53
CA ARG A 17 -5.17 -20.62 -17.80
C ARG A 17 -5.68 -20.42 -19.22
N SER A 18 -4.74 -20.13 -20.12
CA SER A 18 -5.04 -19.86 -21.52
C SER A 18 -6.15 -20.69 -22.16
N GLN A 19 -6.24 -21.97 -21.81
CA GLN A 19 -7.28 -22.83 -22.38
C GLN A 19 -8.68 -22.42 -21.94
N VAL A 20 -8.86 -22.24 -20.63
CA VAL A 20 -10.15 -21.84 -20.09
C VAL A 20 -10.42 -20.38 -20.45
N GLU A 21 -9.39 -19.54 -20.35
CA GLU A 21 -9.51 -18.13 -20.67
C GLU A 21 -10.00 -17.90 -22.10
N SER A 22 -9.46 -18.65 -23.05
CA SER A 22 -9.87 -18.47 -24.43
C SER A 22 -11.29 -18.92 -24.73
N ASN A 23 -11.91 -19.66 -23.82
CA ASN A 23 -13.28 -20.14 -24.02
C ASN A 23 -14.30 -19.33 -23.23
N ILE A 24 -13.83 -18.28 -22.58
CA ILE A 24 -14.73 -17.45 -21.82
C ILE A 24 -15.24 -16.25 -22.63
N VAL A 25 -16.53 -15.98 -22.49
CA VAL A 25 -17.12 -14.87 -23.21
C VAL A 25 -17.57 -13.79 -22.25
N VAL A 26 -17.03 -12.59 -22.46
CA VAL A 26 -17.36 -11.45 -21.64
C VAL A 26 -18.36 -10.57 -22.40
N GLY A 27 -19.58 -10.52 -21.89
CA GLY A 27 -20.61 -9.71 -22.50
C GLY A 27 -20.52 -8.29 -21.98
N VAL A 28 -20.56 -7.32 -22.88
CA VAL A 28 -20.43 -5.94 -22.49
C VAL A 28 -21.59 -5.06 -22.96
N LEU A 29 -22.42 -4.61 -22.02
CA LEU A 29 -23.53 -3.73 -22.39
C LEU A 29 -23.00 -2.31 -22.29
N ASP A 30 -23.03 -1.58 -23.40
CA ASP A 30 -22.54 -0.20 -23.43
C ASP A 30 -22.93 0.45 -24.76
N THR A 31 -22.11 1.37 -25.25
CA THR A 31 -22.40 2.08 -26.50
C THR A 31 -21.96 1.37 -27.80
N GLY A 32 -21.65 0.08 -27.71
CA GLY A 32 -21.22 -0.67 -28.87
C GLY A 32 -19.71 -0.86 -28.86
N ILE A 33 -19.17 -1.41 -29.95
CA ILE A 33 -17.73 -1.65 -30.04
C ILE A 33 -17.16 -1.30 -31.42
N TRP A 34 -15.94 -0.79 -31.45
CA TRP A 34 -15.26 -0.44 -32.70
C TRP A 34 -14.27 -1.59 -33.00
N PRO A 35 -14.69 -2.54 -33.86
CA PRO A 35 -13.95 -3.73 -34.30
C PRO A 35 -12.49 -3.52 -34.73
N GLU A 36 -12.26 -2.40 -35.41
CA GLU A 36 -10.96 -2.09 -35.94
C GLU A 36 -9.81 -1.81 -34.96
N SER A 37 -10.14 -1.50 -33.71
CA SER A 37 -9.12 -1.20 -32.73
C SER A 37 -8.13 -2.35 -32.48
N PRO A 38 -6.82 -2.03 -32.41
CA PRO A 38 -5.76 -3.00 -32.19
C PRO A 38 -6.03 -3.88 -30.97
N SER A 39 -6.76 -3.35 -30.00
CA SER A 39 -7.08 -4.07 -28.78
C SER A 39 -7.95 -5.30 -29.03
N PHE A 40 -8.60 -5.36 -30.19
CA PHE A 40 -9.49 -6.48 -30.53
C PHE A 40 -8.98 -7.32 -31.70
N ASP A 41 -7.66 -7.35 -31.86
CA ASP A 41 -7.02 -8.11 -32.91
C ASP A 41 -7.35 -9.60 -32.80
N ASP A 42 -7.34 -10.29 -33.94
CA ASP A 42 -7.70 -11.70 -34.05
C ASP A 42 -6.57 -12.71 -34.09
N GLU A 43 -5.45 -12.31 -34.68
CA GLU A 43 -4.31 -13.21 -34.85
C GLU A 43 -4.18 -14.30 -33.82
N GLY A 44 -4.01 -15.52 -34.32
CA GLY A 44 -3.83 -16.68 -33.46
C GLY A 44 -5.04 -17.29 -32.81
N PHE A 45 -6.12 -16.53 -32.63
CA PHE A 45 -7.30 -17.06 -31.97
C PHE A 45 -7.95 -18.30 -32.59
N SER A 46 -8.18 -19.31 -31.75
CA SER A 46 -8.84 -20.52 -32.22
C SER A 46 -10.28 -20.13 -32.54
N PRO A 47 -11.08 -21.06 -33.08
CA PRO A 47 -12.46 -20.69 -33.40
C PRO A 47 -13.31 -20.61 -32.12
N PRO A 48 -14.37 -19.75 -32.12
CA PRO A 48 -15.27 -19.54 -30.97
C PRO A 48 -15.76 -20.80 -30.28
N PRO A 49 -16.07 -20.72 -28.97
CA PRO A 49 -16.56 -21.87 -28.22
C PRO A 49 -17.73 -22.51 -28.94
N PRO A 50 -17.71 -23.83 -29.12
CA PRO A 50 -18.79 -24.53 -29.82
C PRO A 50 -20.16 -24.26 -29.21
N LYS A 51 -20.19 -24.01 -27.90
CA LYS A 51 -21.45 -23.77 -27.23
C LYS A 51 -21.88 -22.31 -27.14
N TRP A 52 -21.36 -21.48 -28.04
CA TRP A 52 -21.71 -20.08 -28.11
C TRP A 52 -22.91 -19.99 -29.04
N LYS A 53 -23.91 -19.20 -28.66
CA LYS A 53 -25.12 -19.06 -29.46
C LYS A 53 -25.37 -17.66 -30.01
N GLY A 54 -24.55 -16.69 -29.63
CA GLY A 54 -24.74 -15.33 -30.10
C GLY A 54 -24.59 -15.21 -31.61
N THR A 55 -24.69 -13.99 -32.13
CA THR A 55 -24.54 -13.72 -33.56
C THR A 55 -24.03 -12.30 -33.79
N CYS A 56 -23.95 -11.91 -35.05
CA CYS A 56 -23.43 -10.60 -35.38
C CYS A 56 -24.29 -9.86 -36.37
N GLU A 57 -24.55 -8.58 -36.09
CA GLU A 57 -25.32 -7.73 -36.99
C GLU A 57 -24.34 -7.12 -37.99
N THR A 58 -24.16 -7.83 -39.10
CA THR A 58 -23.21 -7.44 -40.14
C THR A 58 -23.78 -6.86 -41.44
N SER A 59 -24.96 -6.25 -41.36
CA SER A 59 -25.57 -5.69 -42.57
C SER A 59 -25.27 -4.19 -42.74
N ASN A 60 -24.46 -3.66 -41.82
CA ASN A 60 -24.11 -2.26 -41.89
C ASN A 60 -22.68 -1.91 -41.53
N ASN A 61 -21.74 -2.33 -42.37
CA ASN A 61 -20.32 -2.01 -42.18
C ASN A 61 -19.75 -2.36 -40.80
N PHE A 62 -19.95 -3.60 -40.40
CA PHE A 62 -19.46 -4.09 -39.13
C PHE A 62 -19.17 -5.56 -39.32
N ARG A 63 -18.12 -6.04 -38.68
CA ARG A 63 -17.77 -7.44 -38.82
C ARG A 63 -17.11 -8.05 -37.59
N CYS A 64 -17.70 -9.14 -37.10
CA CYS A 64 -17.18 -9.85 -35.94
C CYS A 64 -16.00 -10.72 -36.39
N ASN A 65 -15.07 -10.97 -35.48
CA ASN A 65 -13.94 -11.83 -35.78
C ASN A 65 -13.91 -12.91 -34.68
N ARG A 66 -12.77 -13.51 -34.42
CA ARG A 66 -12.72 -14.55 -33.38
C ARG A 66 -12.43 -13.98 -32.01
N LYS A 67 -12.34 -12.66 -31.93
CA LYS A 67 -12.09 -11.97 -30.66
C LYS A 67 -13.46 -11.44 -30.26
N ILE A 68 -14.07 -10.69 -31.17
CA ILE A 68 -15.40 -10.14 -30.96
C ILE A 68 -16.37 -11.08 -31.68
N ILE A 69 -16.89 -12.06 -30.96
CA ILE A 69 -17.80 -13.06 -31.49
C ILE A 69 -19.29 -12.75 -31.37
N GLY A 70 -19.62 -11.53 -30.98
CA GLY A 70 -21.00 -11.15 -30.84
C GLY A 70 -21.12 -9.64 -30.88
N ALA A 71 -22.23 -9.16 -31.41
CA ALA A 71 -22.45 -7.73 -31.54
C ALA A 71 -23.89 -7.54 -31.98
N ARG A 72 -24.68 -6.88 -31.14
CA ARG A 72 -26.09 -6.62 -31.41
C ARG A 72 -26.42 -5.25 -30.84
N SER A 73 -27.52 -4.68 -31.28
CA SER A 73 -27.90 -3.38 -30.79
C SER A 73 -29.37 -3.35 -30.39
N TYR A 74 -29.75 -2.37 -29.56
CA TYR A 74 -31.11 -2.29 -29.09
C TYR A 74 -31.62 -0.85 -29.01
N HIS A 75 -32.64 -0.54 -29.81
CA HIS A 75 -33.23 0.79 -29.76
C HIS A 75 -34.74 0.61 -29.95
N ILE A 76 -35.23 -0.50 -29.40
CA ILE A 76 -36.64 -0.90 -29.47
C ILE A 76 -37.70 0.21 -29.53
N GLY A 77 -37.64 1.16 -28.60
CA GLY A 77 -38.64 2.22 -28.59
C GLY A 77 -38.95 2.90 -29.91
N ARG A 78 -38.28 4.02 -30.16
CA ARG A 78 -38.49 4.80 -31.38
C ARG A 78 -37.26 4.75 -32.29
N PRO A 79 -37.22 5.61 -33.33
CA PRO A 79 -36.09 5.64 -34.26
C PRO A 79 -34.78 6.14 -33.70
N ILE A 80 -33.69 5.71 -34.35
CA ILE A 80 -32.33 6.09 -33.97
C ILE A 80 -32.20 7.59 -33.84
N SER A 81 -31.53 8.00 -32.77
CA SER A 81 -31.30 9.40 -32.46
C SER A 81 -30.32 10.05 -33.42
N PRO A 82 -30.22 11.38 -33.38
CA PRO A 82 -29.32 12.20 -34.21
C PRO A 82 -27.83 11.96 -33.94
N GLY A 83 -27.06 11.71 -34.99
CA GLY A 83 -25.64 11.48 -34.81
C GLY A 83 -25.30 10.03 -34.55
N ASP A 84 -26.32 9.24 -34.22
CA ASP A 84 -26.11 7.82 -33.98
C ASP A 84 -26.17 7.04 -35.28
N VAL A 85 -25.84 5.75 -35.20
CA VAL A 85 -25.84 4.90 -36.37
C VAL A 85 -26.45 3.53 -36.09
N ASN A 86 -27.12 2.96 -37.09
CA ASN A 86 -27.73 1.65 -36.94
C ASN A 86 -26.65 0.59 -36.81
N GLY A 87 -26.88 -0.39 -35.94
CA GLY A 87 -25.89 -1.43 -35.77
C GLY A 87 -25.06 -1.35 -34.50
N PRO A 88 -24.21 -2.37 -34.26
CA PRO A 88 -23.29 -2.58 -33.13
C PRO A 88 -22.13 -1.61 -33.03
N ARG A 89 -21.83 -0.90 -34.12
CA ARG A 89 -20.71 0.05 -34.15
C ARG A 89 -20.75 1.17 -33.11
N ASP A 90 -19.64 1.31 -32.40
CA ASP A 90 -19.47 2.32 -31.35
C ASP A 90 -18.94 3.61 -31.95
N THR A 91 -19.78 4.65 -31.95
CA THR A 91 -19.39 5.94 -32.49
C THR A 91 -19.11 6.90 -31.36
N ASN A 92 -19.51 6.50 -30.15
CA ASN A 92 -19.29 7.30 -28.95
C ASN A 92 -17.87 7.08 -28.38
N GLY A 93 -17.42 5.84 -28.35
CA GLY A 93 -16.11 5.53 -27.83
C GLY A 93 -16.14 4.97 -26.41
N HIS A 94 -17.25 5.13 -25.73
CA HIS A 94 -17.38 4.65 -24.36
C HIS A 94 -17.29 3.13 -24.30
N GLY A 95 -18.05 2.45 -25.16
CA GLY A 95 -18.07 0.99 -25.18
C GLY A 95 -16.77 0.33 -25.59
N THR A 96 -16.06 0.98 -26.49
CA THR A 96 -14.79 0.50 -26.99
C THR A 96 -13.76 0.59 -25.87
N HIS A 97 -13.75 1.72 -25.19
CA HIS A 97 -12.82 1.98 -24.09
C HIS A 97 -13.01 0.91 -23.03
N THR A 98 -14.25 0.79 -22.58
CA THR A 98 -14.66 -0.18 -21.57
C THR A 98 -14.27 -1.62 -21.91
N ALA A 99 -14.59 -2.05 -23.12
CA ALA A 99 -14.30 -3.40 -23.57
C ALA A 99 -12.80 -3.72 -23.54
N SER A 100 -11.97 -2.79 -24.00
CA SER A 100 -10.52 -3.01 -24.01
C SER A 100 -9.97 -3.00 -22.60
N THR A 101 -10.59 -2.23 -21.70
CA THR A 101 -10.15 -2.20 -20.31
C THR A 101 -10.31 -3.59 -19.71
N ALA A 102 -11.45 -4.24 -19.99
CA ALA A 102 -11.74 -5.55 -19.43
C ALA A 102 -11.08 -6.72 -20.18
N ALA A 103 -11.16 -6.71 -21.51
CA ALA A 103 -10.61 -7.80 -22.30
C ALA A 103 -9.70 -7.43 -23.46
N GLY A 104 -9.28 -6.16 -23.54
CA GLY A 104 -8.39 -5.77 -24.63
C GLY A 104 -7.09 -6.56 -24.59
N GLY A 105 -6.54 -6.86 -25.76
CA GLY A 105 -5.28 -7.59 -25.83
C GLY A 105 -4.09 -6.64 -25.76
N LEU A 106 -2.89 -7.20 -25.71
CA LEU A 106 -1.66 -6.40 -25.62
C LEU A 106 -1.43 -5.57 -26.86
N VAL A 107 -1.24 -4.27 -26.68
CA VAL A 107 -0.97 -3.36 -27.78
C VAL A 107 0.18 -2.49 -27.28
N SER A 108 1.37 -2.60 -27.87
CA SER A 108 2.50 -1.82 -27.38
C SER A 108 2.66 -0.43 -27.96
N GLN A 109 3.24 0.44 -27.16
CA GLN A 109 3.46 1.83 -27.52
C GLN A 109 2.15 2.60 -27.44
N ALA A 110 1.16 1.99 -26.80
CA ALA A 110 -0.16 2.62 -26.65
C ALA A 110 0.01 3.99 -26.02
N ASN A 111 -0.57 5.00 -26.66
CA ASN A 111 -0.42 6.34 -26.11
C ASN A 111 -1.36 7.33 -26.74
N LEU A 112 -1.58 8.43 -26.02
CA LEU A 112 -2.41 9.53 -26.48
C LEU A 112 -1.43 10.69 -26.63
N TYR A 113 -1.00 10.96 -27.84
CA TYR A 113 -0.04 12.05 -28.09
C TYR A 113 1.13 12.00 -27.12
N GLY A 114 1.66 10.79 -26.93
CA GLY A 114 2.78 10.60 -26.03
C GLY A 114 2.36 10.38 -24.59
N LEU A 115 1.23 10.95 -24.20
CA LEU A 115 0.76 10.80 -22.84
C LEU A 115 0.46 9.36 -22.46
N GLY A 116 0.93 8.97 -21.28
CA GLY A 116 0.68 7.63 -20.77
C GLY A 116 1.29 6.48 -21.53
N LEU A 117 2.32 6.75 -22.34
CA LEU A 117 2.98 5.71 -23.14
C LEU A 117 3.19 4.41 -22.36
N GLY A 118 3.03 3.27 -23.03
CA GLY A 118 3.21 1.99 -22.35
C GLY A 118 2.55 0.87 -23.11
N THR A 119 2.24 -0.24 -22.44
CA THR A 119 1.57 -1.37 -23.08
C THR A 119 0.14 -1.46 -22.55
N ALA A 120 -0.83 -1.16 -23.43
CA ALA A 120 -2.24 -1.21 -23.06
C ALA A 120 -2.67 -2.66 -23.10
N ARG A 121 -3.61 -3.02 -22.23
CA ARG A 121 -4.09 -4.41 -22.18
C ARG A 121 -5.38 -4.46 -21.34
N GLY A 122 -6.04 -5.62 -21.37
CA GLY A 122 -7.24 -5.82 -20.58
C GLY A 122 -6.85 -6.78 -19.48
N GLY A 123 -7.78 -7.12 -18.60
CA GLY A 123 -7.42 -8.05 -17.54
C GLY A 123 -7.31 -9.45 -18.09
N VAL A 124 -8.06 -9.72 -19.16
CA VAL A 124 -8.08 -11.03 -19.77
C VAL A 124 -8.00 -10.95 -21.31
N PRO A 125 -6.77 -10.72 -21.81
CA PRO A 125 -6.49 -10.61 -23.25
C PRO A 125 -6.96 -11.77 -24.10
N LEU A 126 -7.26 -12.92 -23.49
CA LEU A 126 -7.69 -14.07 -24.30
C LEU A 126 -9.17 -14.37 -24.36
N ALA A 127 -9.96 -13.72 -23.49
CA ALA A 127 -11.39 -13.94 -23.48
C ALA A 127 -12.04 -13.35 -24.73
N ARG A 128 -13.18 -13.92 -25.11
CA ARG A 128 -13.92 -13.43 -26.29
C ARG A 128 -14.83 -12.31 -25.79
N ILE A 129 -15.21 -11.40 -26.69
CA ILE A 129 -16.09 -10.31 -26.33
C ILE A 129 -17.39 -10.34 -27.13
N ALA A 130 -18.49 -10.02 -26.46
CA ALA A 130 -19.80 -9.99 -27.10
C ALA A 130 -20.38 -8.66 -26.71
N ALA A 131 -20.54 -7.77 -27.69
CA ALA A 131 -21.06 -6.43 -27.44
C ALA A 131 -22.56 -6.31 -27.61
N TYR A 132 -23.20 -5.69 -26.64
CA TYR A 132 -24.64 -5.47 -26.68
C TYR A 132 -24.82 -3.96 -26.56
N LYS A 133 -24.97 -3.28 -27.71
CA LYS A 133 -25.14 -1.81 -27.74
C LYS A 133 -26.51 -1.32 -27.27
N VAL A 134 -26.57 -0.76 -26.06
CA VAL A 134 -27.83 -0.29 -25.50
C VAL A 134 -27.88 1.20 -25.16
N CYS A 135 -26.78 1.91 -25.35
CA CYS A 135 -26.74 3.32 -25.06
C CYS A 135 -26.50 4.20 -26.28
N TRP A 136 -27.33 5.22 -26.41
CA TRP A 136 -27.31 6.14 -27.54
C TRP A 136 -27.27 7.57 -27.06
N ASN A 137 -27.21 8.54 -27.98
CA ASN A 137 -27.20 9.95 -27.59
C ASN A 137 -28.57 10.25 -27.02
N ASP A 138 -29.46 9.31 -27.29
CA ASP A 138 -30.85 9.27 -26.90
C ASP A 138 -30.90 8.89 -25.40
N GLY A 139 -29.87 8.16 -24.95
CA GLY A 139 -29.78 7.68 -23.59
C GLY A 139 -29.77 6.16 -23.60
N CYS A 140 -30.00 5.50 -22.47
CA CYS A 140 -30.04 4.03 -22.48
C CYS A 140 -31.42 3.69 -21.90
N SER A 141 -32.29 3.07 -22.69
CA SER A 141 -33.63 2.74 -22.23
C SER A 141 -33.77 1.42 -21.44
N ASP A 142 -34.82 1.35 -20.63
CA ASP A 142 -35.10 0.17 -19.83
C ASP A 142 -35.41 -1.07 -20.66
N THR A 143 -36.06 -0.87 -21.81
CA THR A 143 -36.44 -1.98 -22.69
C THR A 143 -35.23 -2.63 -23.37
N ASP A 144 -34.28 -1.79 -23.78
CA ASP A 144 -33.05 -2.24 -24.40
C ASP A 144 -32.22 -3.09 -23.43
N ILE A 145 -32.07 -2.59 -22.21
CA ILE A 145 -31.30 -3.29 -21.19
C ILE A 145 -31.83 -4.68 -20.92
N LEU A 146 -33.12 -4.77 -20.60
CA LEU A 146 -33.76 -6.05 -20.33
C LEU A 146 -33.56 -6.98 -21.52
N ALA A 147 -33.78 -6.44 -22.70
CA ALA A 147 -33.65 -7.19 -23.94
C ALA A 147 -32.21 -7.66 -24.18
N ALA A 148 -31.25 -6.73 -24.02
CA ALA A 148 -29.84 -7.07 -24.21
C ALA A 148 -29.46 -8.16 -23.22
N TYR A 149 -29.92 -8.05 -21.98
CA TYR A 149 -29.63 -9.07 -20.97
C TYR A 149 -30.12 -10.43 -21.47
N ASP A 150 -31.39 -10.49 -21.83
CA ASP A 150 -32.01 -11.71 -22.34
C ASP A 150 -31.14 -12.39 -23.37
N ASP A 151 -30.66 -11.59 -24.32
CA ASP A 151 -29.81 -12.12 -25.36
C ASP A 151 -28.51 -12.64 -24.76
N ALA A 152 -27.90 -11.85 -23.89
CA ALA A 152 -26.64 -12.25 -23.25
C ALA A 152 -26.85 -13.58 -22.53
N ILE A 153 -27.93 -13.69 -21.76
CA ILE A 153 -28.17 -14.94 -21.05
C ILE A 153 -28.28 -16.11 -22.04
N ALA A 154 -29.09 -15.96 -23.09
CA ALA A 154 -29.28 -17.04 -24.06
C ALA A 154 -28.10 -17.25 -25.01
N ASP A 155 -27.38 -16.18 -25.32
CA ASP A 155 -26.23 -16.31 -26.21
C ASP A 155 -25.22 -17.24 -25.52
N GLY A 156 -25.06 -17.04 -24.21
CA GLY A 156 -24.14 -17.87 -23.44
C GLY A 156 -23.02 -17.11 -22.75
N VAL A 157 -23.20 -15.81 -22.54
CA VAL A 157 -22.21 -15.02 -21.86
C VAL A 157 -21.86 -15.64 -20.48
N ASP A 158 -20.62 -15.45 -20.05
CA ASP A 158 -20.12 -15.97 -18.78
C ASP A 158 -20.18 -14.95 -17.67
N ILE A 159 -19.98 -13.69 -18.02
CA ILE A 159 -19.97 -12.60 -17.06
C ILE A 159 -20.39 -11.36 -17.81
N ILE A 160 -20.93 -10.37 -17.10
CA ILE A 160 -21.40 -9.16 -17.75
C ILE A 160 -20.85 -7.88 -17.13
N SER A 161 -20.30 -7.00 -17.97
CA SER A 161 -19.77 -5.73 -17.52
C SER A 161 -20.79 -4.68 -17.85
N LEU A 162 -21.31 -4.01 -16.82
CA LEU A 162 -22.34 -3.00 -17.02
C LEU A 162 -21.88 -1.64 -16.55
N SER A 163 -21.43 -0.80 -17.48
CA SER A 163 -20.97 0.55 -17.17
C SER A 163 -22.04 1.57 -17.51
N VAL A 164 -23.21 1.44 -16.88
CA VAL A 164 -24.29 2.37 -17.11
C VAL A 164 -25.12 2.38 -15.83
N GLY A 165 -25.85 3.48 -15.62
CA GLY A 165 -26.68 3.58 -14.43
C GLY A 165 -26.25 4.67 -13.47
N GLY A 166 -27.13 5.65 -13.29
CA GLY A 166 -26.83 6.76 -12.39
C GLY A 166 -28.09 7.50 -11.99
N ALA A 167 -29.23 6.86 -12.20
CA ALA A 167 -30.53 7.44 -11.87
C ALA A 167 -30.60 7.82 -10.39
N ASN A 168 -31.55 8.69 -10.05
CA ASN A 168 -31.72 9.13 -8.67
C ASN A 168 -31.79 7.89 -7.78
N PRO A 169 -30.90 7.80 -6.78
CA PRO A 169 -30.93 6.64 -5.89
C PRO A 169 -32.33 6.30 -5.40
N ARG A 170 -33.20 7.31 -5.33
CA ARG A 170 -34.56 7.12 -4.86
C ARG A 170 -35.50 6.50 -5.90
N HIS A 171 -34.99 6.30 -7.11
CA HIS A 171 -35.79 5.66 -8.16
C HIS A 171 -35.35 4.21 -8.25
N TYR A 172 -34.62 3.78 -7.23
CA TYR A 172 -34.10 2.41 -7.19
C TYR A 172 -35.18 1.33 -7.33
N PHE A 173 -36.40 1.62 -6.91
CA PHE A 173 -37.46 0.62 -7.03
C PHE A 173 -38.01 0.43 -8.45
N VAL A 174 -37.69 1.35 -9.36
CA VAL A 174 -38.13 1.25 -10.75
C VAL A 174 -36.95 1.07 -11.72
N ASP A 175 -35.81 0.65 -11.17
CA ASP A 175 -34.59 0.45 -11.95
C ASP A 175 -34.55 -0.94 -12.61
N ALA A 176 -34.42 -0.95 -13.94
CA ALA A 176 -34.39 -2.19 -14.72
C ALA A 176 -33.13 -3.06 -14.53
N ILE A 177 -31.98 -2.41 -14.33
CA ILE A 177 -30.72 -3.13 -14.14
C ILE A 177 -30.84 -4.22 -13.06
N ALA A 178 -31.71 -3.99 -12.09
CA ALA A 178 -31.94 -4.95 -11.02
C ALA A 178 -32.69 -6.15 -11.56
N ILE A 179 -33.55 -5.91 -12.56
CA ILE A 179 -34.32 -6.98 -13.15
C ILE A 179 -33.41 -7.83 -14.03
N GLY A 180 -32.66 -7.16 -14.90
CA GLY A 180 -31.77 -7.89 -15.77
C GLY A 180 -30.75 -8.73 -15.00
N SER A 181 -29.96 -8.06 -14.16
CA SER A 181 -28.93 -8.74 -13.37
C SER A 181 -29.47 -9.90 -12.55
N PHE A 182 -30.69 -9.73 -12.03
CA PHE A 182 -31.28 -10.78 -11.25
C PHE A 182 -31.50 -12.04 -12.10
N HIS A 183 -32.07 -11.87 -13.30
CA HIS A 183 -32.29 -13.04 -14.16
C HIS A 183 -30.93 -13.59 -14.53
N ALA A 184 -29.97 -12.70 -14.75
CA ALA A 184 -28.62 -13.10 -15.09
C ALA A 184 -28.02 -13.98 -13.98
N VAL A 185 -28.21 -13.56 -12.73
CA VAL A 185 -27.69 -14.30 -11.58
C VAL A 185 -28.27 -15.71 -11.47
N GLU A 186 -29.55 -15.87 -11.79
CA GLU A 186 -30.20 -17.18 -11.71
C GLU A 186 -29.58 -18.21 -12.66
N ARG A 187 -28.82 -17.73 -13.62
CA ARG A 187 -28.17 -18.60 -14.59
C ARG A 187 -26.67 -18.57 -14.39
N GLY A 188 -26.24 -18.30 -13.17
CA GLY A 188 -24.84 -18.26 -12.83
C GLY A 188 -24.02 -17.27 -13.65
N ILE A 189 -24.50 -16.03 -13.70
CA ILE A 189 -23.81 -14.97 -14.45
C ILE A 189 -23.70 -13.71 -13.59
N LEU A 190 -22.48 -13.37 -13.21
CA LEU A 190 -22.25 -12.18 -12.40
C LEU A 190 -22.24 -10.89 -13.24
N THR A 191 -22.53 -9.77 -12.58
CA THR A 191 -22.55 -8.44 -13.20
C THR A 191 -21.67 -7.47 -12.43
N SER A 192 -20.76 -6.80 -13.12
CA SER A 192 -19.93 -5.79 -12.51
C SER A 192 -20.66 -4.51 -12.85
N ASN A 193 -20.81 -3.61 -11.89
CA ASN A 193 -21.57 -2.39 -12.16
C ASN A 193 -20.92 -1.18 -11.50
N SER A 194 -20.77 -0.09 -12.24
CA SER A 194 -20.18 1.11 -11.67
C SER A 194 -21.15 1.78 -10.70
N ALA A 195 -20.63 2.18 -9.54
CA ALA A 195 -21.45 2.81 -8.51
C ALA A 195 -22.15 4.07 -8.99
N GLY A 196 -21.44 4.92 -9.73
CA GLY A 196 -22.02 6.14 -10.24
C GLY A 196 -20.99 7.23 -10.09
N ASN A 197 -21.19 8.38 -10.75
CA ASN A 197 -20.23 9.47 -10.61
C ASN A 197 -20.96 10.66 -10.01
N GLY A 198 -21.71 10.42 -8.94
CA GLY A 198 -22.46 11.49 -8.28
C GLY A 198 -21.94 11.86 -6.90
N GLY A 199 -20.73 11.41 -6.56
CA GLY A 199 -20.16 11.71 -5.26
C GLY A 199 -19.88 13.20 -5.09
N PRO A 200 -19.43 13.64 -3.89
CA PRO A 200 -19.18 12.80 -2.71
C PRO A 200 -20.26 12.70 -1.65
N ASN A 201 -21.40 13.38 -1.82
CA ASN A 201 -22.46 13.33 -0.82
C ASN A 201 -22.86 11.92 -0.39
N PHE A 202 -23.21 11.81 0.89
CA PHE A 202 -23.56 10.56 1.56
C PHE A 202 -24.62 9.59 1.08
N PHE A 203 -25.31 9.87 -0.01
CA PHE A 203 -26.32 8.91 -0.47
C PHE A 203 -26.48 9.03 -1.97
N THR A 204 -25.38 9.01 -2.72
CA THR A 204 -25.43 9.19 -4.17
C THR A 204 -25.34 7.98 -5.11
N THR A 205 -25.13 6.78 -4.57
CA THR A 205 -25.01 5.59 -5.44
C THR A 205 -26.34 4.87 -5.67
N ALA A 206 -26.63 4.57 -6.93
CA ALA A 206 -27.87 3.89 -7.32
C ALA A 206 -27.72 2.41 -7.66
N SER A 207 -26.53 1.85 -7.48
CA SER A 207 -26.28 0.42 -7.72
C SER A 207 -26.56 -0.27 -6.39
N LEU A 208 -27.83 -0.54 -6.10
CA LEU A 208 -28.21 -1.12 -4.82
C LEU A 208 -28.51 -2.60 -4.69
N SER A 209 -28.86 -3.25 -5.79
CA SER A 209 -29.16 -4.67 -5.78
C SER A 209 -28.02 -5.42 -5.08
N PRO A 210 -28.35 -6.40 -4.22
CA PRO A 210 -27.38 -7.21 -3.46
C PRO A 210 -26.53 -8.17 -4.29
N TRP A 211 -27.12 -8.81 -5.29
CA TRP A 211 -26.39 -9.77 -6.13
C TRP A 211 -25.45 -9.06 -7.09
N LEU A 212 -25.55 -7.73 -7.13
CA LEU A 212 -24.75 -6.91 -8.00
C LEU A 212 -23.41 -6.51 -7.37
N LEU A 213 -22.32 -6.70 -8.10
CA LEU A 213 -21.01 -6.33 -7.58
C LEU A 213 -20.89 -4.85 -7.94
N SER A 214 -20.88 -3.98 -6.94
CA SER A 214 -20.80 -2.56 -7.23
C SER A 214 -19.36 -2.06 -7.04
N VAL A 215 -18.91 -1.20 -7.93
CA VAL A 215 -17.53 -0.72 -7.91
C VAL A 215 -17.38 0.80 -7.88
N ALA A 216 -16.50 1.30 -7.02
CA ALA A 216 -16.25 2.74 -6.90
C ALA A 216 -14.95 3.07 -7.63
N ALA A 217 -14.71 4.35 -7.87
CA ALA A 217 -13.49 4.75 -8.57
C ALA A 217 -12.43 5.38 -7.68
N SER A 218 -11.27 4.73 -7.60
CA SER A 218 -10.17 5.26 -6.79
C SER A 218 -9.04 5.72 -7.71
N THR A 219 -7.98 6.28 -7.14
CA THR A 219 -6.87 6.73 -7.96
C THR A 219 -5.78 5.68 -7.99
N MET A 220 -4.73 5.96 -8.74
CA MET A 220 -3.59 5.06 -8.80
C MET A 220 -2.41 6.00 -8.60
N ASP A 221 -1.20 5.45 -8.51
CA ASP A 221 -0.08 6.34 -8.26
C ASP A 221 0.14 7.40 -9.36
N ARG A 222 0.10 6.97 -10.63
CA ARG A 222 0.33 7.91 -11.74
C ARG A 222 -0.67 9.05 -11.79
N LYS A 223 -0.18 10.29 -11.96
CA LYS A 223 -1.10 11.43 -12.03
C LYS A 223 -0.69 12.43 -13.10
N PHE A 224 -1.65 12.89 -13.90
CA PHE A 224 -1.34 13.87 -14.94
C PHE A 224 -1.42 15.30 -14.40
N VAL A 225 -0.38 16.09 -14.67
CA VAL A 225 -0.32 17.47 -14.24
C VAL A 225 0.13 18.34 -15.40
N THR A 226 -0.31 19.59 -15.41
CA THR A 226 0.07 20.52 -16.46
C THR A 226 0.67 21.75 -15.83
N GLN A 227 1.97 21.95 -16.05
CA GLN A 227 2.68 23.09 -15.50
C GLN A 227 2.40 24.38 -16.27
N VAL A 228 2.10 25.42 -15.51
CA VAL A 228 1.85 26.74 -16.09
C VAL A 228 2.91 27.69 -15.52
N GLN A 229 3.55 28.46 -16.39
CA GLN A 229 4.58 29.40 -15.93
C GLN A 229 4.31 30.81 -16.43
N ILE A 230 3.88 31.69 -15.53
CA ILE A 230 3.58 33.08 -15.88
C ILE A 230 4.86 33.91 -16.02
N GLY A 231 4.71 35.15 -16.49
CA GLY A 231 5.85 36.05 -16.73
C GLY A 231 6.96 36.21 -15.69
N ASN A 232 6.58 36.37 -14.42
CA ASN A 232 7.54 36.55 -13.33
C ASN A 232 8.60 35.46 -13.35
N GLY A 233 8.16 34.24 -13.60
CA GLY A 233 9.09 33.12 -13.63
C GLY A 233 8.61 32.06 -12.66
N GLN A 234 7.50 32.34 -11.98
CA GLN A 234 6.95 31.41 -11.02
C GLN A 234 6.01 30.40 -11.70
N SER A 235 6.05 29.16 -11.23
CA SER A 235 5.25 28.09 -11.79
C SER A 235 4.13 27.66 -10.86
N PHE A 236 3.10 27.05 -11.45
CA PHE A 236 1.98 26.55 -10.68
C PHE A 236 1.73 25.17 -11.24
N GLN A 237 1.18 24.28 -10.43
CA GLN A 237 0.91 22.93 -10.89
C GLN A 237 -0.59 22.72 -11.03
N GLY A 238 -1.07 22.64 -12.27
CA GLY A 238 -2.48 22.44 -12.52
C GLY A 238 -2.77 21.08 -13.11
N VAL A 239 -4.01 20.64 -13.03
CA VAL A 239 -4.37 19.34 -13.58
C VAL A 239 -5.17 19.47 -14.88
N SER A 240 -4.87 18.58 -15.82
CA SER A 240 -5.53 18.51 -17.11
C SER A 240 -4.67 17.61 -17.96
N ILE A 241 -5.26 17.06 -19.02
CA ILE A 241 -4.55 16.20 -19.95
C ILE A 241 -4.30 17.03 -21.19
N ASN A 242 -3.22 17.80 -21.13
CA ASN A 242 -2.82 18.72 -22.19
C ASN A 242 -1.90 18.04 -23.19
N THR A 243 -2.39 17.87 -24.41
CA THR A 243 -1.61 17.22 -25.45
C THR A 243 -0.96 18.24 -26.37
N PHE A 244 -1.35 19.50 -26.26
CA PHE A 244 -0.77 20.54 -27.10
C PHE A 244 0.66 20.85 -26.65
N ASP A 245 1.59 20.97 -27.59
CA ASP A 245 2.98 21.28 -27.24
C ASP A 245 3.09 22.61 -26.47
N ASN A 246 4.21 22.80 -25.79
CA ASN A 246 4.44 24.02 -24.99
C ASN A 246 4.37 25.30 -25.82
N GLN A 247 3.59 26.27 -25.34
CA GLN A 247 3.41 27.55 -26.04
C GLN A 247 3.25 28.74 -25.09
N TYR A 248 3.57 29.93 -25.59
CA TYR A 248 3.49 31.16 -24.81
C TYR A 248 2.48 32.13 -25.40
N TYR A 249 1.63 32.71 -24.55
CA TYR A 249 0.62 33.66 -25.03
C TYR A 249 0.28 34.73 -24.00
N PRO A 250 -0.25 35.87 -24.47
CA PRO A 250 -0.64 36.98 -23.58
C PRO A 250 -1.74 36.52 -22.62
N LEU A 251 -1.82 37.14 -21.45
CA LEU A 251 -2.86 36.78 -20.49
C LEU A 251 -3.95 37.85 -20.40
N VAL A 252 -5.15 37.43 -20.03
CA VAL A 252 -6.27 38.36 -19.87
C VAL A 252 -7.22 37.78 -18.84
N SER A 253 -7.98 38.65 -18.19
CA SER A 253 -8.93 38.20 -17.19
C SER A 253 -10.33 38.28 -17.75
N GLY A 254 -11.23 37.47 -17.21
CA GLY A 254 -12.60 37.49 -17.67
C GLY A 254 -13.27 38.76 -17.24
N ARG A 255 -12.83 39.29 -16.10
CA ARG A 255 -13.38 40.52 -15.54
C ARG A 255 -13.01 41.74 -16.39
N ASP A 256 -11.79 41.73 -16.92
CA ASP A 256 -11.28 42.83 -17.72
C ASP A 256 -11.92 42.91 -19.10
N ILE A 257 -12.55 41.84 -19.55
CA ILE A 257 -13.16 41.83 -20.87
C ILE A 257 -14.59 41.28 -20.91
N PRO A 258 -15.53 41.96 -20.23
CA PRO A 258 -16.91 41.50 -20.23
C PRO A 258 -17.48 41.69 -21.63
N ASN A 259 -18.63 41.09 -21.91
CA ASN A 259 -19.22 41.25 -23.23
C ASN A 259 -20.46 42.13 -23.13
N THR A 260 -20.78 42.80 -24.24
CA THR A 260 -21.93 43.69 -24.32
C THR A 260 -23.11 43.19 -23.49
N GLY A 261 -23.44 43.94 -22.43
CA GLY A 261 -24.56 43.55 -21.58
C GLY A 261 -24.17 42.68 -20.41
N PHE A 262 -22.88 42.65 -20.08
CA PHE A 262 -22.38 41.85 -18.98
C PHE A 262 -21.56 42.62 -17.95
N ASP A 263 -21.66 42.16 -16.70
CA ASP A 263 -20.96 42.77 -15.58
C ASP A 263 -19.75 41.89 -15.24
N LYS A 264 -18.71 42.50 -14.67
CA LYS A 264 -17.52 41.74 -14.31
C LYS A 264 -17.84 40.76 -13.18
N SER A 265 -19.10 40.75 -12.75
CA SER A 265 -19.54 39.86 -11.68
C SER A 265 -19.81 38.47 -12.23
N THR A 266 -19.87 38.37 -13.54
CA THR A 266 -20.09 37.09 -14.22
C THR A 266 -18.94 36.84 -15.19
N SER A 267 -18.25 37.91 -15.56
CA SER A 267 -17.13 37.82 -16.48
C SER A 267 -15.95 37.07 -15.87
N ARG A 268 -15.84 37.11 -14.55
CA ARG A 268 -14.76 36.42 -13.86
C ARG A 268 -14.70 35.00 -14.37
N PHE A 269 -15.84 34.33 -14.29
CA PHE A 269 -16.01 32.93 -14.68
C PHE A 269 -16.04 32.75 -16.20
N CYS A 270 -16.01 33.87 -16.91
CA CYS A 270 -16.04 33.89 -18.36
C CYS A 270 -16.93 32.80 -19.00
N THR A 271 -18.06 32.53 -18.35
CA THR A 271 -19.00 31.54 -18.84
C THR A 271 -20.23 32.20 -19.45
N ASP A 272 -21.05 31.41 -20.12
CA ASP A 272 -22.28 31.88 -20.74
C ASP A 272 -22.13 33.10 -21.65
N LYS A 273 -21.05 33.12 -22.43
CA LYS A 273 -20.80 34.23 -23.35
C LYS A 273 -20.71 35.57 -22.63
N SER A 274 -20.08 35.57 -21.46
CA SER A 274 -19.94 36.82 -20.71
C SER A 274 -18.56 37.45 -20.94
N VAL A 275 -18.01 37.22 -22.12
CA VAL A 275 -16.70 37.78 -22.46
C VAL A 275 -16.68 38.28 -23.90
N ASN A 276 -16.09 39.46 -24.10
CA ASN A 276 -16.02 40.05 -25.44
C ASN A 276 -15.03 39.28 -26.32
N PRO A 277 -15.54 38.56 -27.33
CA PRO A 277 -14.69 37.77 -28.24
C PRO A 277 -13.56 38.57 -28.88
N ASN A 278 -13.79 39.86 -29.10
CA ASN A 278 -12.80 40.70 -29.75
C ASN A 278 -11.49 40.85 -28.97
N LEU A 279 -11.58 41.16 -27.68
CA LEU A 279 -10.40 41.34 -26.84
C LEU A 279 -9.89 40.02 -26.27
N LEU A 280 -10.42 38.92 -26.79
CA LEU A 280 -10.08 37.58 -26.32
C LEU A 280 -9.16 36.80 -27.26
N LYS A 281 -9.30 37.04 -28.55
CA LYS A 281 -8.53 36.33 -29.56
C LYS A 281 -7.01 36.33 -29.44
N GLY A 282 -6.44 35.13 -29.46
CA GLY A 282 -4.99 34.97 -29.38
C GLY A 282 -4.37 35.05 -27.99
N LYS A 283 -5.21 35.00 -26.96
CA LYS A 283 -4.72 35.08 -25.59
C LYS A 283 -5.21 33.95 -24.67
N ILE A 284 -4.49 33.75 -23.57
CA ILE A 284 -4.84 32.73 -22.60
C ILE A 284 -5.79 33.38 -21.60
N VAL A 285 -7.07 33.03 -21.69
CA VAL A 285 -8.08 33.60 -20.78
C VAL A 285 -7.94 32.98 -19.39
N VAL A 286 -8.12 33.80 -18.36
CA VAL A 286 -8.04 33.33 -16.98
C VAL A 286 -9.42 33.48 -16.35
N CYS A 287 -10.04 32.36 -16.00
CA CYS A 287 -11.36 32.40 -15.43
C CYS A 287 -11.44 31.70 -14.08
N GLU A 288 -12.32 32.22 -13.22
CA GLU A 288 -12.51 31.69 -11.88
C GLU A 288 -13.57 30.61 -11.84
N ALA A 289 -13.34 29.52 -12.56
CA ALA A 289 -14.29 28.42 -12.60
C ALA A 289 -13.72 27.27 -13.41
N SER A 290 -14.47 26.17 -13.50
CA SER A 290 -14.04 25.00 -14.27
C SER A 290 -15.19 24.47 -15.10
N PHE A 291 -15.02 24.48 -16.42
CA PHE A 291 -16.05 24.00 -17.33
C PHE A 291 -15.50 23.08 -18.42
N GLY A 292 -16.40 22.40 -19.14
CA GLY A 292 -16.01 21.48 -20.19
C GLY A 292 -15.71 22.05 -21.56
N PRO A 293 -15.47 21.17 -22.55
CA PRO A 293 -15.17 21.56 -23.93
C PRO A 293 -16.31 22.34 -24.58
N HIS A 294 -17.54 22.02 -24.22
CA HIS A 294 -18.69 22.71 -24.79
C HIS A 294 -18.63 24.20 -24.52
N GLU A 295 -18.44 24.57 -23.26
CA GLU A 295 -18.37 25.98 -22.87
C GLU A 295 -17.17 26.66 -23.55
N PHE A 296 -16.17 25.87 -23.92
CA PHE A 296 -14.99 26.41 -24.59
C PHE A 296 -15.43 26.98 -25.92
N PHE A 297 -16.16 26.17 -26.68
CA PHE A 297 -16.65 26.58 -27.99
C PHE A 297 -17.71 27.66 -27.85
N LYS A 298 -18.66 27.44 -26.95
CA LYS A 298 -19.73 28.40 -26.74
C LYS A 298 -19.23 29.81 -26.41
N SER A 299 -18.44 29.94 -25.35
CA SER A 299 -17.96 31.26 -24.90
C SER A 299 -16.53 31.67 -25.26
N LEU A 300 -15.66 30.74 -25.60
CA LEU A 300 -14.28 31.13 -25.86
C LEU A 300 -13.66 30.92 -27.24
N ASP A 301 -14.47 30.80 -28.28
CA ASP A 301 -13.90 30.62 -29.62
C ASP A 301 -12.96 31.81 -29.85
N GLY A 302 -11.76 31.53 -30.33
CA GLY A 302 -10.80 32.60 -30.59
C GLY A 302 -9.61 32.57 -29.65
N ALA A 303 -9.87 32.18 -28.40
CA ALA A 303 -8.82 32.09 -27.38
C ALA A 303 -7.79 31.03 -27.72
N ALA A 304 -6.54 31.29 -27.35
CA ALA A 304 -5.46 30.35 -27.64
C ALA A 304 -5.16 29.44 -26.43
N GLY A 305 -5.78 29.74 -25.28
CA GLY A 305 -5.56 28.96 -24.09
C GLY A 305 -6.51 29.32 -22.96
N VAL A 306 -6.70 28.39 -22.03
CA VAL A 306 -7.59 28.62 -20.90
C VAL A 306 -7.00 28.17 -19.56
N LEU A 307 -7.25 28.95 -18.51
CA LEU A 307 -6.78 28.63 -17.17
C LEU A 307 -8.00 28.71 -16.28
N MET A 308 -8.40 27.56 -15.72
CA MET A 308 -9.57 27.48 -14.85
C MET A 308 -9.20 27.25 -13.40
N THR A 309 -10.19 27.14 -12.52
CA THR A 309 -9.92 26.93 -11.11
C THR A 309 -10.91 25.99 -10.43
N SER A 310 -10.45 25.34 -9.38
CA SER A 310 -11.33 24.43 -8.63
C SER A 310 -10.68 23.92 -7.36
N ASN A 311 -11.51 23.66 -6.36
CA ASN A 311 -11.05 23.15 -5.08
C ASN A 311 -10.82 21.65 -5.18
N THR A 312 -11.39 21.05 -6.23
CA THR A 312 -11.25 19.61 -6.47
C THR A 312 -10.41 19.42 -7.73
N ARG A 313 -9.31 18.67 -7.60
CA ARG A 313 -8.42 18.43 -8.73
C ARG A 313 -7.81 17.05 -8.64
N ASP A 314 -8.57 16.07 -8.16
CA ASP A 314 -8.04 14.72 -8.04
C ASP A 314 -8.23 13.83 -9.27
N TYR A 315 -8.37 14.46 -10.43
CA TYR A 315 -8.54 13.79 -11.71
C TYR A 315 -8.43 14.82 -12.82
N ALA A 316 -8.01 14.39 -14.01
CA ALA A 316 -7.83 15.30 -15.12
C ALA A 316 -8.70 15.01 -16.35
N ASP A 317 -8.87 16.03 -17.18
CA ASP A 317 -9.65 15.91 -18.40
C ASP A 317 -9.05 16.74 -19.51
N SER A 318 -9.30 16.32 -20.74
CA SER A 318 -8.79 17.00 -21.93
C SER A 318 -9.74 18.07 -22.44
N TYR A 319 -9.16 19.10 -23.06
CA TYR A 319 -9.96 20.21 -23.58
C TYR A 319 -9.61 20.53 -25.04
N PRO A 320 -10.40 21.41 -25.66
CA PRO A 320 -10.24 21.85 -27.05
C PRO A 320 -9.07 22.81 -27.24
N LEU A 321 -8.55 23.34 -26.15
CA LEU A 321 -7.44 24.29 -26.24
C LEU A 321 -6.46 24.11 -25.12
N PRO A 322 -5.21 24.57 -25.31
CA PRO A 322 -4.18 24.45 -24.28
C PRO A 322 -4.79 24.96 -22.97
N SER A 323 -5.07 24.04 -22.05
CA SER A 323 -5.70 24.43 -20.80
C SER A 323 -5.06 23.79 -19.57
N SER A 324 -5.48 24.25 -18.39
CA SER A 324 -4.96 23.74 -17.12
C SER A 324 -5.77 24.28 -15.93
N VAL A 325 -6.27 23.38 -15.08
CA VAL A 325 -7.04 23.81 -13.92
C VAL A 325 -6.12 24.05 -12.72
N LEU A 326 -6.02 25.32 -12.33
CA LEU A 326 -5.17 25.72 -11.22
C LEU A 326 -5.90 25.72 -9.87
N ASP A 327 -5.11 25.73 -8.80
CA ASP A 327 -5.60 25.77 -7.43
C ASP A 327 -6.00 27.23 -7.17
N PRO A 328 -7.14 27.46 -6.49
CA PRO A 328 -7.62 28.81 -6.19
C PRO A 328 -6.55 29.88 -5.95
N ASN A 329 -5.57 29.57 -5.11
CA ASN A 329 -4.50 30.53 -4.82
C ASN A 329 -3.61 30.81 -6.02
N ASP A 330 -3.16 29.76 -6.69
CA ASP A 330 -2.30 29.94 -7.87
C ASP A 330 -3.03 30.79 -8.90
N LEU A 331 -4.36 30.81 -8.82
CA LEU A 331 -5.18 31.60 -9.73
C LEU A 331 -5.05 33.08 -9.35
N LEU A 332 -5.26 33.38 -8.08
CA LEU A 332 -5.15 34.75 -7.59
C LEU A 332 -3.74 35.25 -7.85
N ALA A 333 -2.77 34.38 -7.64
CA ALA A 333 -1.37 34.74 -7.87
C ALA A 333 -1.19 35.15 -9.32
N THR A 334 -1.92 34.48 -10.21
CA THR A 334 -1.85 34.75 -11.65
C THR A 334 -2.61 36.01 -12.02
N LEU A 335 -3.71 36.26 -11.32
CA LEU A 335 -4.52 37.44 -11.58
C LEU A 335 -3.72 38.69 -11.21
N ARG A 336 -3.10 38.68 -10.03
CA ARG A 336 -2.30 39.82 -9.59
C ARG A 336 -1.29 40.13 -10.68
N TYR A 337 -0.56 39.12 -11.11
CA TYR A 337 0.44 39.28 -12.16
C TYR A 337 -0.12 40.05 -13.35
N ILE A 338 -1.38 39.79 -13.69
CA ILE A 338 -2.04 40.47 -14.81
C ILE A 338 -2.15 41.98 -14.56
N TYR A 339 -2.56 42.33 -13.36
CA TYR A 339 -2.73 43.74 -12.98
C TYR A 339 -1.39 44.34 -12.53
N SER A 340 -0.32 43.56 -12.68
CA SER A 340 1.01 44.03 -12.28
C SER A 340 1.67 44.82 -13.40
N ILE A 341 2.26 44.10 -14.35
CA ILE A 341 2.95 44.71 -15.48
C ILE A 341 2.01 45.18 -16.60
N ARG A 342 0.73 44.81 -16.50
CA ARG A 342 -0.26 45.21 -17.50
C ARG A 342 -0.16 44.46 -18.84
N SER A 343 1.05 44.03 -19.19
CA SER A 343 1.26 43.29 -20.44
C SER A 343 1.83 41.88 -20.14
N PRO A 344 1.05 41.04 -19.42
CA PRO A 344 1.37 39.67 -18.99
C PRO A 344 1.81 38.66 -20.03
N GLY A 345 1.85 37.41 -19.60
CA GLY A 345 2.25 36.31 -20.45
C GLY A 345 2.43 35.04 -19.63
N ALA A 346 1.93 33.92 -20.17
CA ALA A 346 2.03 32.64 -19.48
C ALA A 346 2.39 31.57 -20.50
N THR A 347 2.92 30.45 -20.03
CA THR A 347 3.27 29.34 -20.90
C THR A 347 2.64 28.05 -20.38
N ILE A 348 1.65 27.55 -21.11
CA ILE A 348 1.01 26.31 -20.70
C ILE A 348 1.81 25.16 -21.29
N PHE A 349 2.33 24.30 -20.43
CA PHE A 349 3.12 23.17 -20.89
C PHE A 349 2.29 21.95 -21.23
N LYS A 350 2.92 21.03 -21.95
CA LYS A 350 2.29 19.77 -22.32
C LYS A 350 2.36 18.92 -21.06
N SER A 351 1.21 18.38 -20.66
CA SER A 351 1.12 17.56 -19.46
C SER A 351 2.26 16.58 -19.24
N THR A 352 2.59 16.39 -17.97
CA THR A 352 3.61 15.45 -17.53
C THR A 352 2.97 14.65 -16.40
N THR A 353 3.73 13.74 -15.79
CA THR A 353 3.17 12.96 -14.70
C THR A 353 4.05 12.86 -13.45
N ILE A 354 3.38 12.94 -12.31
CA ILE A 354 4.01 12.83 -11.00
C ILE A 354 3.47 11.54 -10.38
N LEU A 355 4.05 11.10 -9.27
CA LEU A 355 3.58 9.89 -8.61
C LEU A 355 3.02 10.28 -7.26
N ASN A 356 1.77 9.90 -7.00
CA ASN A 356 1.11 10.21 -5.76
C ASN A 356 1.13 8.95 -4.89
N ALA A 357 1.81 9.03 -3.75
CA ALA A 357 1.95 7.91 -2.84
C ALA A 357 0.70 7.63 -2.01
N SER A 358 -0.19 8.62 -1.91
CA SER A 358 -1.42 8.45 -1.14
C SER A 358 -2.38 7.50 -1.84
N ALA A 359 -2.21 7.30 -3.15
CA ALA A 359 -3.10 6.43 -3.90
C ALA A 359 -2.97 4.99 -3.40
N PRO A 360 -4.07 4.21 -3.46
CA PRO A 360 -5.40 4.54 -3.96
C PRO A 360 -6.34 5.23 -2.96
N VAL A 361 -6.93 6.34 -3.38
CA VAL A 361 -7.90 7.09 -2.57
C VAL A 361 -9.13 7.18 -3.50
N VAL A 362 -10.34 6.91 -3.00
CA VAL A 362 -11.49 7.00 -3.91
C VAL A 362 -11.67 8.47 -4.27
N VAL A 363 -11.80 8.73 -5.57
CA VAL A 363 -11.94 10.05 -6.12
C VAL A 363 -13.26 10.70 -5.73
N SER A 364 -13.29 12.02 -5.82
CA SER A 364 -14.45 12.81 -5.45
C SER A 364 -15.81 12.45 -6.07
N PHE A 365 -15.85 12.27 -7.40
CA PHE A 365 -17.11 11.97 -8.08
C PHE A 365 -17.71 10.60 -7.84
N SER A 366 -16.92 9.66 -7.34
CA SER A 366 -17.42 8.30 -7.10
C SER A 366 -18.64 8.29 -6.17
N SER A 367 -19.77 7.78 -6.66
CA SER A 367 -21.00 7.70 -5.88
C SER A 367 -20.77 6.88 -4.62
N ARG A 368 -21.33 7.33 -3.51
CA ARG A 368 -21.17 6.59 -2.27
C ARG A 368 -22.48 6.28 -1.55
N GLY A 369 -22.47 5.20 -0.77
CA GLY A 369 -23.65 4.82 -0.02
C GLY A 369 -23.91 5.76 1.15
N PRO A 370 -24.65 5.31 2.20
CA PRO A 370 -25.24 3.97 2.34
C PRO A 370 -26.22 3.56 1.24
N ASN A 371 -26.64 2.30 1.29
CA ASN A 371 -27.60 1.72 0.36
C ASN A 371 -28.93 2.36 0.70
N ARG A 372 -29.45 3.21 -0.18
CA ARG A 372 -30.71 3.90 0.11
C ARG A 372 -31.92 2.97 0.19
N ALA A 373 -31.76 1.75 -0.30
CA ALA A 373 -32.85 0.77 -0.28
C ALA A 373 -32.76 -0.11 0.97
N THR A 374 -31.57 -0.26 1.53
CA THR A 374 -31.35 -1.08 2.73
C THR A 374 -30.01 -0.71 3.35
N LYS A 375 -30.03 0.13 4.38
CA LYS A 375 -28.79 0.55 5.02
C LYS A 375 -27.99 -0.58 5.66
N ASP A 376 -28.56 -1.79 5.74
CA ASP A 376 -27.84 -2.90 6.35
C ASP A 376 -27.08 -3.76 5.33
N VAL A 377 -27.24 -3.43 4.05
CA VAL A 377 -26.55 -4.12 2.96
C VAL A 377 -25.66 -3.02 2.37
N ILE A 378 -24.48 -2.87 2.96
CA ILE A 378 -23.54 -1.84 2.56
C ILE A 378 -23.09 -1.90 1.10
N LYS A 379 -22.98 -0.71 0.52
CA LYS A 379 -22.55 -0.50 -0.87
C LYS A 379 -21.78 0.81 -0.86
N PRO A 380 -20.79 0.98 -1.72
CA PRO A 380 -20.26 0.09 -2.77
C PRO A 380 -19.72 -1.20 -2.17
N ASP A 381 -19.31 -2.13 -3.01
CA ASP A 381 -18.76 -3.39 -2.53
C ASP A 381 -17.23 -3.41 -2.61
N ILE A 382 -16.68 -2.64 -3.53
CA ILE A 382 -15.26 -2.65 -3.74
C ILE A 382 -14.81 -1.46 -4.57
N SER A 383 -13.49 -1.32 -4.75
CA SER A 383 -12.93 -0.22 -5.52
C SER A 383 -11.87 -0.71 -6.51
N GLY A 384 -11.55 0.13 -7.49
CA GLY A 384 -10.57 -0.19 -8.52
C GLY A 384 -10.18 1.06 -9.31
N PRO A 385 -9.18 0.99 -10.20
CA PRO A 385 -8.75 2.15 -11.00
C PRO A 385 -9.83 2.73 -11.90
N GLY A 386 -10.18 3.99 -11.66
CA GLY A 386 -11.20 4.65 -12.45
C GLY A 386 -10.87 6.10 -12.77
N VAL A 387 -9.62 6.50 -12.52
CA VAL A 387 -9.17 7.86 -12.79
C VAL A 387 -8.05 7.85 -13.82
N GLU A 388 -8.23 8.62 -14.89
CA GLU A 388 -7.22 8.72 -15.94
C GLU A 388 -6.76 7.35 -16.48
N ILE A 389 -7.71 6.59 -16.98
CA ILE A 389 -7.43 5.28 -17.54
C ILE A 389 -7.34 5.45 -19.06
N LEU A 390 -6.23 5.01 -19.65
CA LEU A 390 -6.02 5.08 -21.09
C LEU A 390 -6.38 3.73 -21.66
N ALA A 391 -7.24 3.72 -22.68
CA ALA A 391 -7.67 2.47 -23.34
C ALA A 391 -8.16 2.78 -24.76
N ALA A 392 -8.56 1.75 -25.50
CA ALA A 392 -9.01 1.89 -26.90
C ALA A 392 -10.06 2.95 -27.18
N TRP A 393 -9.88 3.68 -28.28
CA TRP A 393 -10.80 4.74 -28.71
C TRP A 393 -11.04 4.65 -30.22
N PRO A 394 -12.27 4.93 -30.67
CA PRO A 394 -12.55 4.87 -32.11
C PRO A 394 -11.80 6.01 -32.81
N SER A 395 -11.37 5.80 -34.04
CA SER A 395 -10.64 6.84 -34.76
C SER A 395 -11.54 8.03 -35.07
N VAL A 396 -12.84 7.78 -35.23
CA VAL A 396 -13.78 8.86 -35.52
C VAL A 396 -14.28 9.56 -34.25
N ALA A 397 -14.11 8.91 -33.12
CA ALA A 397 -14.56 9.49 -31.86
C ALA A 397 -13.70 10.69 -31.49
N PRO A 398 -14.34 11.79 -31.09
CA PRO A 398 -13.57 12.99 -30.71
C PRO A 398 -12.94 12.79 -29.34
N VAL A 399 -11.86 13.53 -29.08
CA VAL A 399 -11.18 13.45 -27.79
C VAL A 399 -11.13 14.84 -27.20
N GLY A 400 -11.75 15.01 -26.04
CA GLY A 400 -11.73 16.30 -25.40
C GLY A 400 -12.42 17.40 -26.19
N GLY A 401 -13.32 17.01 -27.10
CA GLY A 401 -14.05 17.98 -27.88
C GLY A 401 -13.52 18.26 -29.27
N ILE A 402 -12.48 17.55 -29.69
CA ILE A 402 -11.93 17.77 -31.01
C ILE A 402 -11.42 16.47 -31.59
N ARG A 403 -10.89 16.53 -32.80
CA ARG A 403 -10.38 15.33 -33.44
C ARG A 403 -8.89 15.22 -33.20
N ARG A 404 -8.45 14.02 -32.84
CA ARG A 404 -7.04 13.78 -32.60
C ARG A 404 -6.67 12.43 -33.19
N ASN A 405 -5.52 12.35 -33.86
CA ASN A 405 -5.09 11.08 -34.42
C ASN A 405 -4.53 10.24 -33.28
N THR A 406 -5.41 9.44 -32.70
CA THR A 406 -5.05 8.60 -31.58
C THR A 406 -5.94 7.38 -31.61
N LEU A 407 -5.43 6.28 -31.08
CA LEU A 407 -6.19 5.04 -31.02
C LEU A 407 -6.53 4.76 -29.56
N PHE A 408 -6.16 5.68 -28.68
CA PHE A 408 -6.43 5.52 -27.25
C PHE A 408 -6.82 6.84 -26.62
N ASN A 409 -7.71 6.79 -25.64
CA ASN A 409 -8.11 8.03 -24.96
C ASN A 409 -7.92 7.86 -23.45
N ILE A 410 -7.84 8.97 -22.72
CA ILE A 410 -7.70 8.89 -21.27
C ILE A 410 -8.94 9.50 -20.65
N ILE A 411 -9.74 8.70 -19.95
CA ILE A 411 -10.95 9.22 -19.34
C ILE A 411 -11.16 8.64 -17.95
N SER A 412 -12.06 9.24 -17.17
CA SER A 412 -12.29 8.78 -15.80
C SER A 412 -13.76 8.56 -15.50
N GLY A 413 -14.03 7.75 -14.47
CA GLY A 413 -15.40 7.46 -14.09
C GLY A 413 -15.51 6.09 -13.43
N THR A 414 -16.63 5.83 -12.79
CA THR A 414 -16.80 4.53 -12.15
C THR A 414 -17.00 3.55 -13.27
N SER A 415 -17.26 4.06 -14.48
CA SER A 415 -17.45 3.19 -15.63
C SER A 415 -16.10 2.71 -16.18
N MET A 416 -15.01 3.23 -15.61
CA MET A 416 -13.65 2.84 -16.01
C MET A 416 -13.10 1.81 -15.05
N SER A 417 -13.57 1.83 -13.80
CA SER A 417 -13.09 0.88 -12.81
C SER A 417 -13.91 -0.40 -12.83
N CYS A 418 -15.17 -0.26 -13.21
CA CYS A 418 -16.03 -1.43 -13.30
C CYS A 418 -15.37 -2.47 -14.22
N PRO A 419 -14.98 -2.08 -15.45
CA PRO A 419 -14.34 -2.98 -16.41
C PRO A 419 -13.12 -3.66 -15.81
N HIS A 420 -12.43 -2.96 -14.91
CA HIS A 420 -11.27 -3.52 -14.23
C HIS A 420 -11.71 -4.71 -13.40
N ILE A 421 -12.75 -4.51 -12.60
CA ILE A 421 -13.28 -5.56 -11.74
C ILE A 421 -13.81 -6.70 -12.57
N THR A 422 -14.40 -6.36 -13.73
CA THR A 422 -14.94 -7.37 -14.63
C THR A 422 -13.83 -8.30 -15.11
N GLY A 423 -12.74 -7.68 -15.57
CA GLY A 423 -11.61 -8.46 -16.03
C GLY A 423 -10.98 -9.33 -14.96
N ILE A 424 -10.83 -8.77 -13.75
CA ILE A 424 -10.25 -9.53 -12.65
C ILE A 424 -11.17 -10.68 -12.24
N ALA A 425 -12.47 -10.41 -12.27
CA ALA A 425 -13.43 -11.43 -11.92
C ALA A 425 -13.35 -12.55 -12.94
N THR A 426 -13.15 -12.22 -14.22
CA THR A 426 -13.04 -13.27 -15.23
C THR A 426 -11.79 -14.10 -14.96
N TYR A 427 -10.72 -13.42 -14.55
CA TYR A 427 -9.47 -14.10 -14.25
C TYR A 427 -9.70 -15.17 -13.19
N VAL A 428 -10.31 -14.77 -12.08
CA VAL A 428 -10.59 -15.68 -10.98
C VAL A 428 -11.45 -16.83 -11.53
N LYS A 429 -12.37 -16.48 -12.43
CA LYS A 429 -13.27 -17.46 -13.03
C LYS A 429 -12.50 -18.51 -13.84
N THR A 430 -11.45 -18.08 -14.53
CA THR A 430 -10.67 -19.02 -15.33
C THR A 430 -10.00 -20.07 -14.46
N TYR A 431 -9.75 -19.73 -13.19
CA TYR A 431 -9.11 -20.67 -12.24
C TYR A 431 -10.14 -21.46 -11.43
N ASN A 432 -11.35 -20.91 -11.29
CA ASN A 432 -12.42 -21.52 -10.52
C ASN A 432 -13.71 -21.58 -11.34
N PRO A 433 -13.70 -22.29 -12.48
CA PRO A 433 -14.83 -22.46 -13.40
C PRO A 433 -16.20 -22.82 -12.83
N THR A 434 -16.26 -23.31 -11.61
CA THR A 434 -17.55 -23.71 -11.07
C THR A 434 -18.19 -22.74 -10.07
N TRP A 435 -17.41 -21.83 -9.53
CA TRP A 435 -17.95 -20.90 -8.55
C TRP A 435 -19.17 -20.18 -9.10
N SER A 436 -20.04 -19.74 -8.19
CA SER A 436 -21.23 -19.01 -8.59
C SER A 436 -20.91 -17.54 -8.54
N PRO A 437 -21.82 -16.70 -9.05
CA PRO A 437 -21.63 -15.25 -9.03
C PRO A 437 -21.27 -14.72 -7.64
N ALA A 438 -22.04 -15.13 -6.63
CA ALA A 438 -21.79 -14.70 -5.26
C ALA A 438 -20.43 -15.20 -4.75
N ALA A 439 -20.00 -16.37 -5.21
CA ALA A 439 -18.73 -16.94 -4.80
C ALA A 439 -17.57 -16.15 -5.40
N ILE A 440 -17.69 -15.79 -6.67
CA ILE A 440 -16.65 -15.02 -7.32
C ILE A 440 -16.59 -13.64 -6.68
N LYS A 441 -17.75 -13.03 -6.48
CA LYS A 441 -17.81 -11.70 -5.88
C LYS A 441 -17.27 -11.68 -4.43
N SER A 442 -17.45 -12.80 -3.74
CA SER A 442 -16.99 -12.94 -2.36
C SER A 442 -15.46 -12.96 -2.37
N ALA A 443 -14.89 -13.80 -3.22
CA ALA A 443 -13.46 -13.90 -3.36
C ALA A 443 -12.85 -12.52 -3.47
N LEU A 444 -13.28 -11.73 -4.46
CA LEU A 444 -12.73 -10.38 -4.64
C LEU A 444 -12.91 -9.47 -3.43
N MET A 445 -13.99 -9.64 -2.68
CA MET A 445 -14.24 -8.79 -1.51
C MET A 445 -13.46 -9.19 -0.25
N THR A 446 -13.54 -10.47 0.12
CA THR A 446 -12.85 -10.96 1.31
C THR A 446 -11.35 -10.89 1.16
N THR A 447 -10.88 -10.84 -0.09
CA THR A 447 -9.46 -10.80 -0.35
C THR A 447 -8.97 -9.41 -0.73
N ALA A 448 -9.85 -8.42 -0.67
CA ALA A 448 -9.45 -7.06 -1.02
C ALA A 448 -8.58 -6.48 0.10
N SER A 449 -7.65 -5.62 -0.26
CA SER A 449 -6.79 -5.00 0.74
C SER A 449 -7.45 -3.73 1.28
N PRO A 450 -7.41 -3.55 2.61
CA PRO A 450 -7.97 -2.42 3.38
C PRO A 450 -7.54 -1.04 2.93
N MET A 451 -8.48 -0.09 2.89
CA MET A 451 -8.17 1.29 2.48
C MET A 451 -8.18 2.21 3.68
N ASN A 452 -7.43 3.31 3.57
CA ASN A 452 -7.30 4.29 4.65
C ASN A 452 -8.49 5.23 4.90
N ALA A 453 -9.10 5.08 6.07
CA ALA A 453 -10.23 5.90 6.47
C ALA A 453 -9.85 7.34 6.76
N ARG A 454 -8.56 7.63 6.80
CA ARG A 454 -8.09 8.99 7.05
C ARG A 454 -8.18 9.80 5.76
N PHE A 455 -8.14 9.08 4.63
CA PHE A 455 -8.21 9.69 3.31
C PHE A 455 -9.64 9.76 2.81
N ASN A 456 -10.43 8.76 3.18
CA ASN A 456 -11.85 8.69 2.84
C ASN A 456 -12.59 8.38 4.13
N PRO A 457 -12.97 9.43 4.88
CA PRO A 457 -13.68 9.41 6.16
C PRO A 457 -14.96 8.61 6.14
N GLN A 458 -15.61 8.56 4.97
CA GLN A 458 -16.86 7.82 4.82
C GLN A 458 -16.65 6.32 4.91
N ALA A 459 -15.38 5.93 5.07
CA ALA A 459 -15.00 4.52 5.19
C ALA A 459 -15.65 3.71 4.09
N GLU A 460 -16.22 2.58 4.46
CA GLU A 460 -16.86 1.66 3.51
C GLU A 460 -17.88 2.29 2.54
N PHE A 461 -18.62 3.30 2.98
CA PHE A 461 -19.60 3.95 2.10
C PHE A 461 -18.88 4.79 1.05
N ALA A 462 -17.63 4.44 0.80
CA ALA A 462 -16.81 5.14 -0.19
C ALA A 462 -15.97 4.14 -0.98
N TYR A 463 -15.52 3.09 -0.33
CA TYR A 463 -14.69 2.09 -1.00
C TYR A 463 -15.13 0.67 -0.63
N GLY A 464 -16.23 0.59 0.09
CA GLY A 464 -16.74 -0.71 0.47
C GLY A 464 -15.71 -1.59 1.14
N SER A 465 -15.47 -2.74 0.54
CA SER A 465 -14.54 -3.70 1.11
C SER A 465 -13.07 -3.38 0.86
N GLY A 466 -12.80 -2.27 0.18
CA GLY A 466 -11.42 -1.91 -0.10
C GLY A 466 -11.00 -2.05 -1.56
N HIS A 467 -9.69 -2.03 -1.78
CA HIS A 467 -9.06 -2.10 -3.09
C HIS A 467 -8.77 -3.52 -3.58
N VAL A 468 -9.19 -3.84 -4.80
CA VAL A 468 -8.99 -5.19 -5.39
C VAL A 468 -7.58 -5.73 -5.33
N ASN A 469 -7.50 -7.06 -5.29
CA ASN A 469 -6.23 -7.78 -5.24
C ASN A 469 -6.29 -9.01 -6.12
N PRO A 470 -6.12 -8.81 -7.43
CA PRO A 470 -6.16 -9.88 -8.43
C PRO A 470 -5.58 -11.24 -8.05
N LEU A 471 -4.32 -11.29 -7.66
CA LEU A 471 -3.73 -12.59 -7.36
C LEU A 471 -4.17 -13.27 -6.06
N LYS A 472 -4.62 -12.50 -5.07
CA LYS A 472 -5.10 -13.11 -3.83
C LYS A 472 -6.55 -13.54 -4.00
N ALA A 473 -7.24 -12.93 -4.95
CA ALA A 473 -8.64 -13.26 -5.23
C ALA A 473 -8.79 -14.68 -5.76
N VAL A 474 -7.75 -15.20 -6.40
CA VAL A 474 -7.79 -16.54 -6.96
C VAL A 474 -7.95 -17.64 -5.90
N ARG A 475 -7.23 -17.52 -4.79
CA ARG A 475 -7.30 -18.48 -3.69
C ARG A 475 -7.75 -17.80 -2.42
N PRO A 476 -9.06 -17.55 -2.28
CA PRO A 476 -9.60 -16.90 -1.09
C PRO A 476 -9.69 -17.82 0.12
N GLY A 477 -9.54 -19.12 -0.12
CA GLY A 477 -9.63 -20.09 0.96
C GLY A 477 -11.06 -20.46 1.33
N LEU A 478 -11.84 -19.44 1.69
CA LEU A 478 -13.25 -19.60 2.07
C LEU A 478 -14.13 -18.56 1.35
N VAL A 479 -15.40 -18.90 1.14
CA VAL A 479 -16.31 -18.00 0.46
C VAL A 479 -17.67 -17.88 1.16
N TYR A 480 -18.33 -16.72 0.99
CA TYR A 480 -19.67 -16.54 1.53
C TYR A 480 -20.61 -16.79 0.34
N ASP A 481 -20.80 -18.07 0.00
CA ASP A 481 -21.65 -18.48 -1.11
C ASP A 481 -23.11 -18.03 -0.94
N ALA A 482 -23.83 -18.00 -2.05
CA ALA A 482 -25.23 -17.62 -2.10
C ALA A 482 -25.83 -17.88 -3.50
N ASN A 483 -27.08 -17.47 -3.69
CA ASN A 483 -27.78 -17.64 -4.96
C ASN A 483 -29.15 -16.97 -4.85
N GLU A 484 -29.86 -16.84 -5.97
CA GLU A 484 -31.18 -16.21 -5.95
C GLU A 484 -32.15 -16.79 -4.92
N SER A 485 -31.87 -18.02 -4.48
CA SER A 485 -32.72 -18.69 -3.49
C SER A 485 -32.62 -18.03 -2.12
N ASP A 486 -31.71 -17.07 -2.00
CA ASP A 486 -31.50 -16.38 -0.73
C ASP A 486 -31.96 -14.91 -0.70
N TYR A 487 -32.43 -14.39 -1.83
CA TYR A 487 -32.89 -13.01 -1.88
C TYR A 487 -34.41 -12.95 -1.78
N VAL A 488 -35.01 -14.09 -1.46
CA VAL A 488 -36.45 -14.22 -1.32
C VAL A 488 -36.99 -13.17 -0.34
N ARG A 518 -34.36 -12.29 7.79
CA ARG A 518 -33.71 -11.07 8.29
C ARG A 518 -32.57 -10.64 7.37
N VAL A 519 -32.44 -9.33 7.16
CA VAL A 519 -31.40 -8.79 6.29
C VAL A 519 -29.99 -9.02 6.83
N TRP A 520 -29.83 -8.91 8.14
CA TRP A 520 -28.51 -9.10 8.77
C TRP A 520 -28.06 -10.56 8.72
N ASP A 521 -28.97 -11.45 8.32
CA ASP A 521 -28.64 -12.86 8.23
C ASP A 521 -28.52 -13.33 6.76
N LEU A 522 -28.21 -12.37 5.89
CA LEU A 522 -28.02 -12.61 4.44
C LEU A 522 -26.51 -12.83 4.23
N ASN A 523 -26.14 -14.02 3.76
CA ASN A 523 -24.73 -14.41 3.55
C ASN A 523 -23.83 -13.50 2.73
N TYR A 524 -23.83 -12.21 3.06
CA TYR A 524 -23.03 -11.21 2.37
C TYR A 524 -21.58 -11.19 2.87
N PRO A 525 -20.64 -10.73 2.03
CA PRO A 525 -19.22 -10.66 2.36
C PRO A 525 -18.86 -9.56 3.37
N SER A 526 -19.85 -8.78 3.79
CA SER A 526 -19.61 -7.72 4.77
C SER A 526 -20.83 -7.60 5.68
N PHE A 527 -20.71 -6.78 6.74
CA PHE A 527 -21.79 -6.58 7.71
C PHE A 527 -22.15 -5.11 7.87
N GLY A 528 -23.44 -4.82 7.97
CA GLY A 528 -23.87 -3.44 8.12
C GLY A 528 -24.96 -3.32 9.18
N LEU A 529 -25.15 -2.12 9.71
CA LEU A 529 -26.16 -1.92 10.75
C LEU A 529 -26.51 -0.45 10.96
N SER A 530 -27.79 -0.14 10.78
CA SER A 530 -28.25 1.23 10.95
C SER A 530 -28.63 1.41 12.42
N VAL A 531 -28.19 2.52 13.01
CA VAL A 531 -28.44 2.81 14.42
C VAL A 531 -28.76 4.29 14.62
N SER A 532 -29.17 4.66 15.84
CA SER A 532 -29.50 6.04 16.18
C SER A 532 -28.35 6.63 17.02
N PRO A 533 -28.03 7.92 16.80
CA PRO A 533 -26.94 8.54 17.57
C PRO A 533 -27.06 8.24 19.05
N SER A 534 -25.92 8.11 19.73
CA SER A 534 -25.88 7.83 21.17
C SER A 534 -27.06 7.00 21.67
N GLN A 535 -27.11 5.73 21.30
CA GLN A 535 -28.19 4.87 21.75
C GLN A 535 -27.85 3.39 21.77
N THR A 536 -27.19 2.96 22.83
CA THR A 536 -26.78 1.58 23.02
C THR A 536 -27.65 0.59 22.24
N PHE A 537 -26.99 -0.36 21.56
CA PHE A 537 -27.68 -1.38 20.76
C PHE A 537 -27.03 -2.74 20.94
N ASN A 538 -27.58 -3.76 20.28
CA ASN A 538 -27.04 -5.12 20.38
C ASN A 538 -27.57 -5.96 19.23
N GLN A 539 -26.83 -6.00 18.13
CA GLN A 539 -27.25 -6.77 16.97
C GLN A 539 -26.43 -8.04 16.81
N TYR A 540 -26.99 -9.02 16.11
CA TYR A 540 -26.29 -10.26 15.86
C TYR A 540 -26.51 -10.65 14.40
N PHE A 541 -25.46 -11.19 13.77
CA PHE A 541 -25.49 -11.57 12.35
C PHE A 541 -25.07 -13.03 12.13
N ASN A 542 -25.77 -13.71 11.23
CA ASN A 542 -25.44 -15.10 10.91
C ASN A 542 -24.85 -15.20 9.51
N ARG A 543 -23.86 -16.08 9.35
CA ARG A 543 -23.19 -16.29 8.07
C ARG A 543 -22.74 -17.74 7.93
N THR A 544 -22.45 -18.14 6.71
CA THR A 544 -22.00 -19.50 6.46
C THR A 544 -20.85 -19.43 5.46
N LEU A 545 -19.70 -19.97 5.82
CA LEU A 545 -18.55 -19.96 4.94
C LEU A 545 -18.40 -21.32 4.30
N THR A 546 -18.13 -21.32 3.01
CA THR A 546 -17.93 -22.58 2.30
C THR A 546 -16.47 -22.59 1.89
N SER A 547 -15.84 -23.75 2.05
CA SER A 547 -14.44 -23.91 1.70
C SER A 547 -14.27 -24.13 0.22
N VAL A 548 -13.21 -23.58 -0.35
CA VAL A 548 -12.94 -23.75 -1.77
C VAL A 548 -11.52 -24.24 -1.98
N ALA A 549 -10.88 -24.61 -0.89
CA ALA A 549 -9.51 -25.12 -0.90
C ALA A 549 -9.54 -26.63 -0.62
N PRO A 550 -8.69 -27.40 -1.33
CA PRO A 550 -8.57 -28.87 -1.20
C PRO A 550 -8.15 -29.41 0.15
N GLN A 551 -7.21 -28.73 0.81
CA GLN A 551 -6.73 -29.19 2.11
C GLN A 551 -7.54 -28.74 3.31
N ALA A 552 -7.60 -29.60 4.32
CA ALA A 552 -8.34 -29.28 5.53
C ALA A 552 -7.50 -28.30 6.34
N SER A 553 -8.15 -27.48 7.14
CA SER A 553 -7.42 -26.51 7.94
C SER A 553 -8.36 -25.82 8.93
N THR A 554 -7.78 -25.17 9.94
CA THR A 554 -8.57 -24.48 10.94
C THR A 554 -8.43 -22.99 10.79
N TYR A 555 -9.54 -22.27 10.84
CA TYR A 555 -9.52 -20.82 10.69
C TYR A 555 -9.92 -20.08 11.95
N ARG A 556 -8.94 -19.61 12.72
CA ARG A 556 -9.24 -18.86 13.92
C ARG A 556 -9.69 -17.47 13.48
N ALA A 557 -10.50 -16.81 14.31
CA ALA A 557 -11.02 -15.49 13.98
C ALA A 557 -10.29 -14.37 14.68
N MET A 558 -10.19 -13.22 14.01
CA MET A 558 -9.52 -12.05 14.56
C MET A 558 -10.39 -10.82 14.37
N ILE A 559 -10.83 -10.22 15.45
CA ILE A 559 -11.66 -9.02 15.36
C ILE A 559 -10.83 -7.77 15.63
N SER A 560 -11.35 -6.62 15.24
CA SER A 560 -10.67 -5.35 15.42
C SER A 560 -11.71 -4.25 15.44
N ALA A 561 -12.34 -4.06 16.60
CA ALA A 561 -13.38 -3.05 16.73
C ALA A 561 -12.84 -1.80 17.41
N PRO A 562 -13.57 -0.68 17.28
CA PRO A 562 -13.13 0.58 17.91
C PRO A 562 -13.33 0.48 19.42
N GLN A 563 -13.41 1.64 20.07
CA GLN A 563 -13.57 1.68 21.51
C GLN A 563 -15.02 1.56 21.99
N GLY A 564 -15.85 2.52 21.61
CA GLY A 564 -17.25 2.48 22.03
C GLY A 564 -18.05 1.31 21.50
N LEU A 565 -17.37 0.22 21.13
CA LEU A 565 -18.04 -0.95 20.60
C LEU A 565 -17.45 -2.25 21.11
N THR A 566 -18.27 -3.29 21.13
CA THR A 566 -17.85 -4.60 21.59
C THR A 566 -18.30 -5.64 20.57
N ILE A 567 -17.33 -6.36 20.03
CA ILE A 567 -17.62 -7.36 19.02
C ILE A 567 -17.05 -8.72 19.37
N SER A 568 -17.82 -9.78 19.08
CA SER A 568 -17.40 -11.14 19.35
C SER A 568 -18.00 -12.08 18.29
N VAL A 569 -17.48 -13.31 18.24
CA VAL A 569 -17.94 -14.29 17.27
C VAL A 569 -17.86 -15.73 17.79
N ASN A 570 -18.94 -16.48 17.61
CA ASN A 570 -18.99 -17.86 18.07
C ASN A 570 -19.54 -18.74 16.96
N PRO A 571 -18.79 -19.77 16.54
CA PRO A 571 -17.47 -20.12 17.07
C PRO A 571 -16.45 -19.04 16.71
N ASN A 572 -15.25 -19.19 17.25
CA ASN A 572 -14.15 -18.27 16.97
C ASN A 572 -13.05 -19.11 16.35
N VAL A 573 -13.38 -20.37 16.07
CA VAL A 573 -12.45 -21.31 15.44
C VAL A 573 -13.27 -22.30 14.59
N LEU A 574 -12.88 -22.47 13.33
CA LEU A 574 -13.59 -23.37 12.43
C LEU A 574 -12.65 -24.26 11.67
N SER A 575 -13.01 -25.52 11.51
CA SER A 575 -12.18 -26.46 10.77
C SER A 575 -12.98 -26.89 9.55
N PHE A 576 -12.28 -27.24 8.47
CA PHE A 576 -12.93 -27.67 7.25
C PHE A 576 -12.20 -28.91 6.77
N ASN A 577 -12.91 -30.04 6.70
CA ASN A 577 -12.31 -31.31 6.27
C ASN A 577 -11.91 -31.33 4.81
N GLY A 578 -12.54 -30.48 4.01
CA GLY A 578 -12.20 -30.44 2.60
C GLY A 578 -13.00 -29.51 1.72
N LEU A 579 -12.83 -29.72 0.43
CA LEU A 579 -13.47 -28.94 -0.61
C LEU A 579 -15.00 -29.08 -0.59
N GLY A 580 -15.69 -28.02 -0.20
CA GLY A 580 -17.15 -28.05 -0.15
C GLY A 580 -17.73 -27.86 1.23
N ASP A 581 -17.04 -28.38 2.23
CA ASP A 581 -17.50 -28.30 3.61
C ASP A 581 -17.89 -26.87 3.99
N ARG A 582 -18.96 -26.75 4.77
CA ARG A 582 -19.44 -25.45 5.22
C ARG A 582 -19.46 -25.40 6.74
N LYS A 583 -19.49 -24.19 7.27
CA LYS A 583 -19.54 -23.98 8.71
C LYS A 583 -20.22 -22.64 8.96
N SER A 584 -20.88 -22.48 10.08
CA SER A 584 -21.55 -21.23 10.36
C SER A 584 -21.00 -20.57 11.61
N PHE A 585 -21.52 -19.39 11.92
CA PHE A 585 -21.09 -18.65 13.08
C PHE A 585 -21.96 -17.41 13.23
N THR A 586 -21.94 -16.81 14.41
CA THR A 586 -22.75 -15.62 14.68
C THR A 586 -21.86 -14.50 15.19
N LEU A 587 -22.03 -13.32 14.62
CA LEU A 587 -21.25 -12.15 15.02
C LEU A 587 -22.17 -11.22 15.81
N THR A 588 -21.70 -10.77 16.97
CA THR A 588 -22.51 -9.88 17.81
C THR A 588 -21.87 -8.53 17.94
N VAL A 589 -22.68 -7.48 17.80
CA VAL A 589 -22.19 -6.12 17.89
C VAL A 589 -23.02 -5.26 18.82
N ARG A 590 -22.48 -5.01 20.01
CA ARG A 590 -23.14 -4.18 21.00
C ARG A 590 -22.27 -2.97 21.26
N GLY A 591 -22.90 -1.85 21.58
CA GLY A 591 -22.14 -0.63 21.85
C GLY A 591 -23.01 0.58 21.55
N SER A 592 -22.39 1.63 21.02
CA SER A 592 -23.13 2.83 20.69
C SER A 592 -22.23 3.92 20.13
N ILE A 593 -22.31 4.12 18.83
CA ILE A 593 -21.51 5.12 18.14
C ILE A 593 -22.14 6.51 18.29
N LYS A 594 -21.31 7.54 18.32
CA LYS A 594 -21.84 8.90 18.45
C LYS A 594 -21.74 9.60 17.10
N GLY A 595 -20.75 9.21 16.30
CA GLY A 595 -20.58 9.81 14.99
C GLY A 595 -21.38 9.10 13.91
N PHE A 596 -21.27 9.59 12.67
CA PHE A 596 -22.00 9.01 11.53
C PHE A 596 -21.56 7.60 11.17
N VAL A 597 -20.27 7.43 10.84
CA VAL A 597 -19.75 6.12 10.43
C VAL A 597 -18.63 5.59 11.33
N VAL A 598 -18.79 4.36 11.80
CA VAL A 598 -17.79 3.70 12.64
C VAL A 598 -17.56 2.31 12.06
N SER A 599 -16.31 1.96 11.82
CA SER A 599 -15.99 0.66 11.24
C SER A 599 -15.06 -0.23 12.01
N ALA A 600 -15.22 -1.53 11.81
CA ALA A 600 -14.43 -2.57 12.45
C ALA A 600 -14.27 -3.69 11.42
N SER A 601 -13.66 -4.80 11.82
CA SER A 601 -13.48 -5.88 10.87
C SER A 601 -13.32 -7.27 11.48
N LEU A 602 -13.67 -8.28 10.70
CA LEU A 602 -13.54 -9.67 11.12
C LEU A 602 -12.58 -10.28 10.12
N VAL A 603 -11.83 -11.30 10.50
CA VAL A 603 -10.88 -11.93 9.57
C VAL A 603 -10.71 -13.41 9.93
N TRP A 604 -10.88 -14.31 8.97
CA TRP A 604 -10.75 -15.72 9.25
C TRP A 604 -9.51 -16.32 8.62
N SER A 605 -8.36 -16.17 9.26
CA SER A 605 -7.11 -16.73 8.74
C SER A 605 -6.77 -18.12 9.26
N ASP A 606 -6.11 -18.93 8.42
CA ASP A 606 -5.68 -20.26 8.79
C ASP A 606 -4.18 -20.33 8.54
N GLY A 607 -3.56 -19.16 8.41
CA GLY A 607 -2.14 -19.13 8.13
C GLY A 607 -1.89 -18.78 6.68
N VAL A 608 -2.37 -19.62 5.78
CA VAL A 608 -2.21 -19.37 4.35
C VAL A 608 -3.27 -18.42 3.79
N HIS A 609 -4.54 -18.66 4.11
CA HIS A 609 -5.62 -17.81 3.59
C HIS A 609 -6.09 -16.78 4.60
N TYR A 610 -6.57 -15.65 4.11
CA TYR A 610 -7.10 -14.58 4.96
C TYR A 610 -8.47 -14.19 4.40
N VAL A 611 -9.44 -14.02 5.26
CA VAL A 611 -10.79 -13.69 4.81
C VAL A 611 -11.37 -12.54 5.61
N ARG A 612 -11.14 -11.29 5.21
CA ARG A 612 -11.71 -10.19 6.00
C ARG A 612 -13.03 -9.69 5.46
N SER A 613 -13.86 -9.24 6.39
CA SER A 613 -15.18 -8.73 6.10
C SER A 613 -15.38 -7.48 6.93
N PRO A 614 -15.56 -6.32 6.28
CA PRO A 614 -15.75 -5.05 6.98
C PRO A 614 -17.02 -5.05 7.86
N ILE A 615 -17.02 -4.22 8.89
CA ILE A 615 -18.17 -4.09 9.78
C ILE A 615 -18.44 -2.60 9.92
N THR A 616 -19.56 -2.15 9.37
CA THR A 616 -19.92 -0.73 9.44
C THR A 616 -21.19 -0.43 10.22
N ILE A 617 -21.15 0.65 10.99
CA ILE A 617 -22.29 1.08 11.79
C ILE A 617 -22.53 2.55 11.46
N THR A 618 -23.78 2.91 11.20
CA THR A 618 -24.11 4.29 10.84
C THR A 618 -25.17 4.91 11.71
N SER A 619 -25.09 6.22 11.86
CA SER A 619 -26.09 6.97 12.60
C SER A 619 -26.85 7.66 11.47
N LEU A 620 -26.69 7.10 10.27
CA LEU A 620 -27.31 7.58 9.03
C LEU A 620 -26.38 8.56 8.28
N THR B 1 6.36 -11.85 13.60
CA THR B 1 6.65 -12.56 12.30
C THR B 1 5.54 -13.51 11.92
N THR B 2 4.44 -13.44 12.67
CA THR B 2 3.28 -14.27 12.38
C THR B 2 2.39 -13.48 11.45
N ARG B 3 2.66 -12.18 11.37
CA ARG B 3 1.92 -11.29 10.52
C ARG B 3 2.87 -10.64 9.53
N SER B 4 4.05 -10.32 10.02
CA SER B 4 5.12 -9.67 9.25
C SER B 4 5.29 -10.09 7.79
N TRP B 5 5.77 -11.30 7.55
CA TRP B 5 5.98 -11.73 6.18
C TRP B 5 4.72 -11.65 5.33
N ASP B 6 3.59 -12.07 5.89
CA ASP B 6 2.32 -12.02 5.17
C ASP B 6 2.04 -10.59 4.71
N PHE B 7 2.25 -9.63 5.61
CA PHE B 7 2.05 -8.20 5.33
C PHE B 7 2.91 -7.75 4.15
N LEU B 8 4.11 -8.31 4.03
CA LEU B 8 5.02 -7.97 2.94
C LEU B 8 4.69 -8.72 1.66
N GLY B 9 3.62 -9.49 1.67
CA GLY B 9 3.29 -10.24 0.48
C GLY B 9 4.29 -11.37 0.30
N PHE B 10 4.75 -11.94 1.41
CA PHE B 10 5.71 -13.04 1.38
C PHE B 10 5.09 -14.21 2.17
N PRO B 11 4.11 -14.90 1.55
CA PRO B 11 3.38 -16.05 2.12
C PRO B 11 4.25 -17.26 2.40
N LEU B 12 3.65 -18.27 3.03
CA LEU B 12 4.35 -19.50 3.34
C LEU B 12 4.39 -20.38 2.11
N THR B 13 3.72 -19.94 1.07
CA THR B 13 3.64 -20.69 -0.18
C THR B 13 4.58 -20.19 -1.25
N VAL B 14 5.30 -19.11 -0.95
CA VAL B 14 6.24 -18.53 -1.91
C VAL B 14 7.20 -19.56 -2.51
N PRO B 15 7.50 -19.41 -3.82
CA PRO B 15 8.42 -20.33 -4.51
C PRO B 15 9.77 -20.32 -3.81
N ARG B 16 10.58 -21.37 -3.98
CA ARG B 16 11.90 -21.42 -3.35
C ARG B 16 12.93 -22.29 -4.04
N ARG B 17 14.16 -21.79 -4.12
CA ARG B 17 15.27 -22.56 -4.70
C ARG B 17 15.86 -23.29 -3.52
N SER B 18 15.21 -24.40 -3.14
CA SER B 18 15.61 -25.19 -1.98
C SER B 18 17.05 -25.67 -1.87
N GLN B 19 17.60 -26.24 -2.95
CA GLN B 19 18.98 -26.72 -2.89
C GLN B 19 19.89 -25.56 -2.51
N VAL B 20 19.95 -24.56 -3.39
CA VAL B 20 20.77 -23.35 -3.20
C VAL B 20 20.62 -22.74 -1.81
N GLU B 21 19.38 -22.51 -1.38
CA GLU B 21 19.14 -21.90 -0.09
C GLU B 21 19.73 -22.68 1.08
N SER B 22 19.76 -24.01 0.96
CA SER B 22 20.29 -24.85 2.04
C SER B 22 21.80 -24.81 2.09
N ASN B 23 22.42 -24.32 1.02
CA ASN B 23 23.87 -24.18 0.95
C ASN B 23 24.21 -22.70 1.05
N ILE B 24 23.61 -22.03 2.04
CA ILE B 24 23.83 -20.61 2.26
C ILE B 24 23.89 -20.35 3.75
N VAL B 25 25.02 -19.85 4.21
CA VAL B 25 25.20 -19.57 5.63
C VAL B 25 25.02 -18.09 5.93
N VAL B 26 24.15 -17.80 6.88
CA VAL B 26 23.88 -16.43 7.27
C VAL B 26 24.67 -16.10 8.53
N GLY B 27 25.49 -15.06 8.46
CA GLY B 27 26.27 -14.66 9.63
C GLY B 27 25.48 -13.67 10.46
N VAL B 28 25.32 -13.94 11.75
CA VAL B 28 24.57 -13.05 12.64
C VAL B 28 25.43 -12.59 13.81
N LEU B 29 25.80 -11.31 13.80
CA LEU B 29 26.60 -10.76 14.88
C LEU B 29 25.64 -10.05 15.81
N ASP B 30 25.38 -10.70 16.94
CA ASP B 30 24.48 -10.18 17.95
C ASP B 30 24.90 -10.73 19.31
N THR B 31 23.94 -11.06 20.17
CA THR B 31 24.22 -11.57 21.49
C THR B 31 24.24 -13.09 21.60
N GLY B 32 24.53 -13.77 20.50
CA GLY B 32 24.58 -15.22 20.55
C GLY B 32 23.20 -15.82 20.39
N ILE B 33 23.15 -17.12 20.14
CA ILE B 33 21.90 -17.84 19.91
C ILE B 33 21.62 -18.90 21.01
N TRP B 34 20.40 -19.44 21.02
CA TRP B 34 19.98 -20.47 21.99
C TRP B 34 19.49 -21.70 21.21
N PRO B 35 20.42 -22.58 20.78
CA PRO B 35 20.26 -23.82 20.01
C PRO B 35 19.08 -24.73 20.27
N GLU B 36 18.46 -24.60 21.44
CA GLU B 36 17.34 -25.47 21.77
C GLU B 36 15.94 -24.95 21.47
N SER B 37 15.84 -23.83 20.75
CA SER B 37 14.51 -23.30 20.41
C SER B 37 13.96 -24.02 19.20
N PRO B 38 12.62 -24.10 19.09
CA PRO B 38 11.95 -24.76 17.97
C PRO B 38 12.41 -24.19 16.65
N SER B 39 12.53 -22.86 16.63
CA SER B 39 12.97 -22.12 15.45
C SER B 39 14.21 -22.71 14.78
N PHE B 40 15.14 -23.24 15.57
CA PHE B 40 16.34 -23.83 15.00
C PHE B 40 16.31 -25.34 15.22
N ASP B 41 15.65 -26.06 14.31
CA ASP B 41 15.52 -27.51 14.40
C ASP B 41 16.23 -28.16 13.22
N ASP B 42 16.81 -29.34 13.45
CA ASP B 42 17.53 -30.07 12.40
C ASP B 42 16.67 -30.90 11.48
N GLU B 43 15.51 -31.28 12.00
CA GLU B 43 14.55 -32.10 11.27
C GLU B 43 14.61 -31.91 9.76
N GLY B 44 15.22 -32.85 9.06
CA GLY B 44 15.28 -32.75 7.61
C GLY B 44 16.54 -32.17 7.01
N PHE B 45 17.30 -31.41 7.80
CA PHE B 45 18.52 -30.81 7.28
C PHE B 45 19.59 -31.82 6.93
N SER B 46 20.24 -31.59 5.79
CA SER B 46 21.32 -32.45 5.33
C SER B 46 22.60 -31.97 6.03
N PRO B 47 23.74 -32.60 5.74
CA PRO B 47 25.00 -32.19 6.36
C PRO B 47 25.38 -30.76 5.99
N PRO B 48 26.19 -30.09 6.84
CA PRO B 48 26.63 -28.71 6.58
C PRO B 48 27.38 -28.63 5.25
N PRO B 49 27.28 -27.50 4.54
CA PRO B 49 27.96 -27.35 3.25
C PRO B 49 29.43 -27.69 3.34
N PRO B 50 29.93 -28.49 2.38
CA PRO B 50 31.35 -28.89 2.35
C PRO B 50 32.30 -27.69 2.38
N LYS B 51 31.80 -26.54 1.94
CA LYS B 51 32.60 -25.31 1.90
C LYS B 51 32.78 -24.71 3.29
N TRP B 52 31.82 -24.94 4.19
CA TRP B 52 31.88 -24.39 5.53
C TRP B 52 33.21 -24.70 6.21
N LYS B 53 33.63 -23.81 7.11
CA LYS B 53 34.89 -23.98 7.81
C LYS B 53 34.80 -23.51 9.26
N GLY B 54 33.75 -22.77 9.57
CA GLY B 54 33.59 -22.27 10.92
C GLY B 54 33.58 -23.41 11.92
N THR B 55 33.40 -23.06 13.18
CA THR B 55 33.37 -24.05 14.24
C THR B 55 32.57 -23.47 15.39
N CYS B 56 32.58 -24.12 16.54
CA CYS B 56 31.85 -23.60 17.68
C CYS B 56 32.38 -24.06 19.05
N GLU B 57 32.38 -23.12 19.98
CA GLU B 57 32.86 -23.36 21.34
C GLU B 57 31.96 -24.33 22.10
N THR B 58 32.43 -25.57 22.25
CA THR B 58 31.68 -26.62 22.95
C THR B 58 32.14 -26.78 24.39
N SER B 59 32.47 -25.69 25.07
CA SER B 59 32.96 -25.79 26.44
C SER B 59 32.00 -25.39 27.55
N ASN B 60 31.08 -24.48 27.26
CA ASN B 60 30.11 -24.05 28.26
C ASN B 60 28.81 -24.76 27.90
N ASN B 61 29.00 -25.97 27.38
CA ASN B 61 27.91 -26.82 26.92
C ASN B 61 27.04 -26.05 25.94
N PHE B 62 27.32 -26.31 24.67
CA PHE B 62 26.65 -25.69 23.55
C PHE B 62 27.02 -26.59 22.36
N ARG B 63 26.01 -27.11 21.68
CA ARG B 63 26.26 -27.99 20.54
C ARG B 63 25.71 -27.38 19.27
N CYS B 64 26.56 -27.21 18.26
CA CYS B 64 26.07 -26.64 17.03
C CYS B 64 25.82 -27.79 16.05
N ASN B 65 24.56 -27.91 15.65
CA ASN B 65 24.03 -28.94 14.76
C ASN B 65 24.17 -28.72 13.24
N ARG B 66 23.08 -29.04 12.53
CA ARG B 66 23.01 -28.92 11.07
C ARG B 66 22.35 -27.61 10.63
N LYS B 67 21.57 -27.02 11.53
CA LYS B 67 20.89 -25.75 11.28
C LYS B 67 21.88 -24.63 11.63
N ILE B 68 22.30 -24.61 12.89
CA ILE B 68 23.27 -23.63 13.39
C ILE B 68 24.65 -24.29 13.25
N ILE B 69 25.33 -24.05 12.14
CA ILE B 69 26.63 -24.68 11.89
C ILE B 69 27.87 -23.97 12.40
N GLY B 70 27.71 -23.11 13.40
CA GLY B 70 28.85 -22.41 13.93
C GLY B 70 28.44 -21.41 14.99
N ALA B 71 29.33 -21.21 15.96
CA ALA B 71 29.08 -20.27 17.04
C ALA B 71 30.40 -19.84 17.70
N ARG B 72 30.55 -18.54 17.89
CA ARG B 72 31.76 -18.01 18.50
C ARG B 72 31.40 -16.85 19.37
N SER B 73 32.25 -16.56 20.36
CA SER B 73 32.01 -15.45 21.26
C SER B 73 33.27 -14.61 21.28
N TYR B 74 33.11 -13.34 21.63
CA TYR B 74 34.20 -12.39 21.66
C TYR B 74 33.98 -11.46 22.83
N HIS B 75 34.94 -11.43 23.74
CA HIS B 75 34.86 -10.58 24.92
C HIS B 75 36.28 -10.11 25.24
N ILE B 76 36.94 -9.64 24.19
CA ILE B 76 38.33 -9.18 24.26
C ILE B 76 38.64 -8.13 25.33
N GLY B 77 39.64 -8.47 26.14
CA GLY B 77 40.12 -7.58 27.19
C GLY B 77 39.30 -7.27 28.42
N ARG B 78 38.65 -8.27 29.01
CA ARG B 78 37.83 -8.05 30.20
C ARG B 78 37.14 -9.34 30.61
N PRO B 79 36.80 -9.48 31.90
CA PRO B 79 36.13 -10.69 32.37
C PRO B 79 34.66 -10.60 31.96
N ILE B 80 33.92 -11.68 32.16
CA ILE B 80 32.51 -11.70 31.82
C ILE B 80 31.71 -11.03 32.92
N SER B 81 30.90 -10.03 32.55
CA SER B 81 30.06 -9.30 33.49
C SER B 81 29.11 -10.27 34.17
N PRO B 82 28.70 -10.00 35.42
CA PRO B 82 27.77 -10.94 36.05
C PRO B 82 26.48 -10.96 35.23
N GLY B 83 25.81 -12.11 35.20
CA GLY B 83 24.58 -12.20 34.43
C GLY B 83 24.85 -12.82 33.07
N ASP B 84 25.99 -12.48 32.48
CA ASP B 84 26.37 -13.03 31.18
C ASP B 84 26.88 -14.44 31.40
N VAL B 85 27.33 -15.08 30.32
CA VAL B 85 27.84 -16.43 30.39
C VAL B 85 28.93 -16.66 29.35
N ASN B 86 29.92 -17.44 29.73
CA ASN B 86 31.01 -17.73 28.81
C ASN B 86 30.42 -18.49 27.63
N GLY B 87 30.98 -18.29 26.44
CA GLY B 87 30.51 -18.98 25.25
C GLY B 87 29.36 -18.36 24.46
N PRO B 88 28.94 -19.03 23.37
CA PRO B 88 27.86 -18.64 22.46
C PRO B 88 26.44 -18.50 23.03
N ARG B 89 26.01 -19.45 23.85
CA ARG B 89 24.66 -19.40 24.42
C ARG B 89 24.15 -17.98 24.67
N ASP B 90 22.86 -17.76 24.40
CA ASP B 90 22.25 -16.44 24.55
C ASP B 90 21.40 -16.26 25.81
N THR B 91 21.91 -15.47 26.74
CA THR B 91 21.19 -15.24 27.98
C THR B 91 20.28 -14.02 27.91
N ASN B 92 20.47 -13.21 26.87
CA ASN B 92 19.66 -11.99 26.72
C ASN B 92 18.42 -12.18 25.85
N GLY B 93 18.54 -12.93 24.78
CA GLY B 93 17.42 -13.17 23.89
C GLY B 93 17.52 -12.43 22.57
N HIS B 94 17.72 -11.12 22.65
CA HIS B 94 17.85 -10.24 21.50
C HIS B 94 18.54 -10.92 20.31
N GLY B 95 19.59 -11.69 20.59
CA GLY B 95 20.27 -12.38 19.51
C GLY B 95 19.40 -13.46 18.91
N THR B 96 18.75 -14.24 19.76
CA THR B 96 17.88 -15.33 19.33
C THR B 96 16.68 -14.84 18.51
N HIS B 97 16.07 -13.75 18.97
CA HIS B 97 14.93 -13.11 18.33
C HIS B 97 15.31 -12.65 16.92
N THR B 98 16.60 -12.36 16.76
CA THR B 98 17.16 -11.88 15.52
C THR B 98 17.47 -13.00 14.54
N ALA B 99 18.13 -14.04 15.01
CA ALA B 99 18.47 -15.14 14.12
C ALA B 99 17.23 -15.83 13.54
N SER B 100 16.18 -15.98 14.37
CA SER B 100 14.94 -16.64 13.95
C SER B 100 14.18 -15.81 12.92
N THR B 101 14.17 -14.49 13.11
CA THR B 101 13.49 -13.62 12.16
C THR B 101 14.15 -13.73 10.79
N ALA B 102 15.48 -13.80 10.78
CA ALA B 102 16.20 -13.90 9.52
C ALA B 102 16.12 -15.28 8.89
N ALA B 103 16.31 -16.32 9.69
CA ALA B 103 16.31 -17.66 9.16
C ALA B 103 15.64 -18.68 10.05
N GLY B 104 14.72 -18.24 10.88
CA GLY B 104 14.03 -19.17 11.76
C GLY B 104 13.15 -20.14 10.98
N GLY B 105 12.97 -21.33 11.53
CA GLY B 105 12.16 -22.34 10.89
C GLY B 105 10.69 -22.10 11.21
N LEU B 106 9.78 -22.80 10.53
CA LEU B 106 8.36 -22.63 10.76
C LEU B 106 7.95 -23.22 12.11
N VAL B 107 7.30 -22.41 12.93
CA VAL B 107 6.85 -22.88 14.23
C VAL B 107 5.33 -22.71 14.29
N SER B 108 4.64 -23.84 14.19
CA SER B 108 3.19 -23.85 14.22
C SER B 108 2.64 -23.33 15.53
N GLN B 109 1.55 -22.58 15.43
CA GLN B 109 0.88 -22.00 16.58
C GLN B 109 1.83 -21.43 17.62
N ALA B 110 2.75 -20.59 17.13
CA ALA B 110 3.71 -19.89 17.97
C ALA B 110 2.99 -18.69 18.54
N ASN B 111 3.39 -18.26 19.74
CA ASN B 111 2.75 -17.12 20.40
C ASN B 111 3.52 -16.76 21.67
N LEU B 112 3.04 -15.73 22.37
CA LEU B 112 3.66 -15.30 23.61
C LEU B 112 2.84 -15.97 24.72
N TYR B 113 1.78 -15.29 25.13
CA TYR B 113 0.85 -15.79 26.14
C TYR B 113 -0.49 -15.72 25.42
N GLY B 114 -0.49 -16.26 24.20
CA GLY B 114 -1.68 -16.24 23.38
C GLY B 114 -1.71 -15.08 22.40
N LEU B 115 -0.85 -14.08 22.60
CA LEU B 115 -0.82 -12.92 21.70
C LEU B 115 0.05 -13.23 20.48
N GLY B 116 -0.34 -12.66 19.33
CA GLY B 116 0.40 -12.88 18.09
C GLY B 116 0.37 -14.32 17.66
N LEU B 117 -0.76 -15.00 17.88
CA LEU B 117 -0.87 -16.40 17.51
C LEU B 117 -0.77 -16.56 15.99
N GLY B 118 0.13 -17.43 15.54
CA GLY B 118 0.31 -17.64 14.12
C GLY B 118 1.38 -18.68 13.88
N THR B 119 2.00 -18.64 12.69
CA THR B 119 3.05 -19.57 12.35
C THR B 119 4.38 -18.87 12.13
N ALA B 120 4.95 -18.30 13.18
CA ALA B 120 6.23 -17.61 13.06
C ALA B 120 7.27 -18.37 12.24
N ARG B 121 8.13 -17.62 11.58
CA ARG B 121 9.21 -18.17 10.77
C ARG B 121 10.11 -17.02 10.28
N GLY B 122 11.19 -17.37 9.58
CA GLY B 122 12.09 -16.37 9.05
C GLY B 122 12.10 -16.36 7.53
N GLY B 123 12.78 -15.38 6.93
CA GLY B 123 12.84 -15.30 5.48
C GLY B 123 13.37 -16.53 4.76
N VAL B 124 14.40 -17.17 5.31
CA VAL B 124 14.98 -18.35 4.68
C VAL B 124 15.15 -19.52 5.67
N PRO B 125 14.07 -20.28 5.92
CA PRO B 125 14.07 -21.42 6.84
C PRO B 125 15.06 -22.53 6.52
N LEU B 126 15.47 -22.67 5.27
CA LEU B 126 16.40 -23.73 4.90
C LEU B 126 17.85 -23.28 4.93
N ALA B 127 18.12 -22.12 5.52
CA ALA B 127 19.49 -21.62 5.55
C ALA B 127 20.22 -21.93 6.86
N ARG B 128 21.53 -22.10 6.76
CA ARG B 128 22.40 -22.37 7.89
C ARG B 128 22.65 -21.07 8.64
N ILE B 129 22.73 -21.14 9.97
CA ILE B 129 22.97 -19.96 10.78
C ILE B 129 24.31 -20.04 11.51
N ALA B 130 25.17 -19.06 11.31
CA ALA B 130 26.44 -19.03 12.01
C ALA B 130 26.34 -17.83 12.93
N ALA B 131 26.39 -18.07 14.23
CA ALA B 131 26.27 -16.97 15.20
C ALA B 131 27.63 -16.51 15.69
N TYR B 132 27.67 -15.26 16.14
CA TYR B 132 28.90 -14.65 16.65
C TYR B 132 28.49 -13.70 17.75
N LYS B 133 28.69 -14.13 18.99
CA LYS B 133 28.32 -13.31 20.12
C LYS B 133 29.33 -12.18 20.14
N VAL B 134 28.85 -10.96 20.31
CA VAL B 134 29.72 -9.79 20.36
C VAL B 134 29.14 -8.73 21.27
N CYS B 135 27.89 -8.88 21.67
CA CYS B 135 27.26 -7.92 22.57
C CYS B 135 27.03 -8.55 23.94
N TRP B 136 27.51 -7.87 24.98
CA TRP B 136 27.37 -8.36 26.33
C TRP B 136 26.77 -7.26 27.19
N ASN B 137 26.55 -7.54 28.47
CA ASN B 137 25.97 -6.55 29.37
C ASN B 137 26.68 -5.22 29.34
N ASP B 138 27.99 -5.24 29.16
CA ASP B 138 28.76 -4.00 29.11
C ASP B 138 28.66 -3.30 27.76
N GLY B 139 28.06 -3.97 26.77
CA GLY B 139 27.88 -3.40 25.45
C GLY B 139 28.52 -4.23 24.35
N CYS B 140 28.74 -3.63 23.19
CA CYS B 140 29.38 -4.31 22.08
C CYS B 140 30.60 -3.43 21.76
N SER B 141 31.80 -3.99 21.85
CA SER B 141 33.03 -3.22 21.58
C SER B 141 33.46 -3.32 20.14
N ASP B 142 34.14 -2.27 19.67
CA ASP B 142 34.62 -2.24 18.30
C ASP B 142 35.64 -3.35 18.07
N THR B 143 36.30 -3.77 19.14
CA THR B 143 37.31 -4.82 19.06
C THR B 143 36.67 -6.16 18.70
N ASP B 144 35.61 -6.50 19.41
CA ASP B 144 34.91 -7.77 19.19
C ASP B 144 34.26 -7.82 17.81
N ILE B 145 33.70 -6.69 17.39
CA ILE B 145 33.07 -6.60 16.08
C ILE B 145 34.05 -6.96 14.96
N LEU B 146 35.26 -6.40 15.00
CA LEU B 146 36.26 -6.69 13.96
C LEU B 146 36.76 -8.11 14.05
N ALA B 147 36.98 -8.57 15.27
CA ALA B 147 37.44 -9.94 15.49
C ALA B 147 36.43 -10.88 14.85
N ALA B 148 35.16 -10.66 15.17
CA ALA B 148 34.07 -11.47 14.64
C ALA B 148 33.94 -11.36 13.14
N TYR B 149 34.11 -10.15 12.60
CA TYR B 149 34.02 -9.95 11.16
C TYR B 149 35.06 -10.77 10.42
N ASP B 150 36.31 -10.72 10.88
CA ASP B 150 37.38 -11.48 10.25
C ASP B 150 37.07 -12.97 10.29
N ASP B 151 36.61 -13.46 11.44
CA ASP B 151 36.26 -14.87 11.58
C ASP B 151 35.14 -15.23 10.63
N ALA B 152 34.12 -14.36 10.57
CA ALA B 152 32.96 -14.55 9.71
C ALA B 152 33.37 -14.63 8.24
N ILE B 153 34.24 -13.71 7.83
CA ILE B 153 34.73 -13.69 6.47
C ILE B 153 35.52 -14.96 6.16
N ALA B 154 36.25 -15.44 7.14
CA ALA B 154 37.06 -16.63 6.97
C ALA B 154 36.21 -17.90 7.00
N ASP B 155 35.26 -17.94 7.94
CA ASP B 155 34.40 -19.11 8.06
C ASP B 155 33.66 -19.45 6.76
N GLY B 156 33.40 -18.45 5.93
CA GLY B 156 32.70 -18.72 4.67
C GLY B 156 31.39 -17.98 4.50
N VAL B 157 30.81 -17.51 5.59
CA VAL B 157 29.55 -16.76 5.61
C VAL B 157 29.18 -16.05 4.29
N ASP B 158 27.93 -16.24 3.86
CA ASP B 158 27.44 -15.65 2.61
C ASP B 158 26.81 -14.27 2.74
N ILE B 159 26.30 -13.97 3.93
CA ILE B 159 25.68 -12.69 4.19
C ILE B 159 25.77 -12.43 5.69
N ILE B 160 25.78 -11.16 6.09
CA ILE B 160 25.90 -10.84 7.51
C ILE B 160 24.78 -9.94 8.02
N SER B 161 24.03 -10.41 9.00
CA SER B 161 22.94 -9.63 9.58
C SER B 161 23.51 -8.96 10.84
N LEU B 162 23.46 -7.63 10.89
CA LEU B 162 24.01 -6.90 12.03
C LEU B 162 23.04 -5.94 12.72
N SER B 163 22.49 -6.37 13.85
CA SER B 163 21.56 -5.54 14.58
C SER B 163 22.21 -4.80 15.74
N VAL B 164 23.36 -4.18 15.46
CA VAL B 164 24.08 -3.39 16.46
C VAL B 164 24.45 -2.02 15.88
N GLY B 165 24.50 -1.00 16.73
CA GLY B 165 24.84 0.34 16.29
C GLY B 165 26.31 0.67 16.36
N GLY B 166 26.74 1.66 15.57
CA GLY B 166 28.14 2.06 15.55
C GLY B 166 28.36 3.34 16.34
N ALA B 167 29.53 3.96 16.21
CA ALA B 167 29.83 5.20 16.92
C ALA B 167 28.83 6.27 16.46
N ASN B 168 28.56 7.25 17.32
CA ASN B 168 27.61 8.31 16.98
C ASN B 168 27.93 9.09 15.71
N PRO B 169 26.90 9.67 15.09
CA PRO B 169 27.00 10.46 13.86
C PRO B 169 27.96 11.62 14.03
N ARG B 170 28.89 11.77 13.10
CA ARG B 170 29.86 12.85 13.16
C ARG B 170 30.60 13.02 11.85
N HIS B 171 31.30 14.14 11.70
CA HIS B 171 32.08 14.38 10.49
C HIS B 171 33.33 13.49 10.63
N TYR B 172 33.88 13.07 9.50
CA TYR B 172 35.03 12.16 9.46
C TYR B 172 34.65 10.96 10.32
N PHE B 173 33.72 10.17 9.80
CA PHE B 173 33.20 9.02 10.51
C PHE B 173 33.90 7.72 10.15
N VAL B 174 34.49 7.09 11.17
CA VAL B 174 35.14 5.80 10.99
C VAL B 174 34.58 4.94 12.12
N ASP B 175 34.23 3.70 11.81
CA ASP B 175 33.63 2.80 12.80
C ASP B 175 34.07 1.36 12.56
N ALA B 176 34.03 0.54 13.60
CA ALA B 176 34.43 -0.87 13.44
C ALA B 176 33.49 -1.55 12.43
N ILE B 177 32.23 -1.12 12.44
CA ILE B 177 31.22 -1.67 11.53
C ILE B 177 31.58 -1.33 10.09
N ALA B 178 32.02 -0.10 9.87
CA ALA B 178 32.40 0.35 8.55
C ALA B 178 33.61 -0.45 8.07
N ILE B 179 34.59 -0.60 8.95
CA ILE B 179 35.79 -1.34 8.60
C ILE B 179 35.50 -2.81 8.29
N GLY B 180 34.84 -3.49 9.21
CA GLY B 180 34.50 -4.89 8.99
C GLY B 180 33.65 -5.09 7.75
N SER B 181 32.57 -4.33 7.66
CA SER B 181 31.69 -4.46 6.50
C SER B 181 32.41 -4.18 5.20
N PHE B 182 33.39 -3.28 5.23
CA PHE B 182 34.11 -2.96 4.01
C PHE B 182 34.87 -4.19 3.55
N HIS B 183 35.60 -4.81 4.46
CA HIS B 183 36.38 -6.00 4.13
C HIS B 183 35.47 -7.11 3.63
N ALA B 184 34.27 -7.19 4.18
CA ALA B 184 33.31 -8.22 3.78
C ALA B 184 32.84 -8.00 2.35
N VAL B 185 32.46 -6.77 2.01
CA VAL B 185 32.00 -6.46 0.67
C VAL B 185 33.15 -6.74 -0.28
N GLU B 186 34.35 -6.45 0.20
CA GLU B 186 35.59 -6.66 -0.52
C GLU B 186 35.65 -8.14 -0.92
N ARG B 187 34.95 -8.96 -0.13
CA ARG B 187 34.90 -10.42 -0.33
C ARG B 187 33.55 -10.90 -0.85
N GLY B 188 32.76 -10.01 -1.45
CA GLY B 188 31.46 -10.42 -1.94
C GLY B 188 30.44 -10.75 -0.86
N ILE B 189 30.59 -10.18 0.32
CA ILE B 189 29.67 -10.44 1.42
C ILE B 189 28.92 -9.19 1.83
N LEU B 190 27.61 -9.20 1.63
CA LEU B 190 26.78 -8.06 1.98
C LEU B 190 26.46 -8.03 3.48
N THR B 191 26.20 -6.83 3.99
CA THR B 191 25.85 -6.65 5.40
C THR B 191 24.57 -5.83 5.55
N SER B 192 23.62 -6.37 6.30
CA SER B 192 22.38 -5.68 6.56
C SER B 192 22.57 -5.01 7.92
N ASN B 193 22.30 -3.72 8.02
CA ASN B 193 22.48 -3.03 9.29
C ASN B 193 21.34 -2.10 9.66
N SER B 194 21.00 -2.10 10.95
CA SER B 194 19.94 -1.25 11.49
C SER B 194 20.41 0.20 11.55
N ALA B 195 19.50 1.11 11.19
CA ALA B 195 19.80 2.53 11.20
C ALA B 195 19.96 3.14 12.61
N GLY B 196 19.50 2.42 13.62
CA GLY B 196 19.61 2.94 14.98
C GLY B 196 18.27 3.44 15.52
N ASN B 197 18.19 3.62 16.85
CA ASN B 197 16.93 4.06 17.43
C ASN B 197 16.96 5.46 18.04
N GLY B 198 17.70 6.37 17.42
CA GLY B 198 17.79 7.73 17.93
C GLY B 198 16.87 8.73 17.27
N GLY B 199 15.78 8.23 16.68
CA GLY B 199 14.84 9.13 16.02
C GLY B 199 14.06 10.00 17.00
N PRO B 200 13.24 10.93 16.48
CA PRO B 200 13.04 11.17 15.05
C PRO B 200 13.80 12.36 14.47
N ASN B 201 14.77 12.90 15.22
CA ASN B 201 15.52 14.04 14.71
C ASN B 201 16.42 13.71 13.53
N PHE B 202 16.70 14.72 12.73
CA PHE B 202 17.58 14.58 11.59
C PHE B 202 18.97 14.21 12.07
N PHE B 203 19.77 13.60 11.20
CA PHE B 203 21.14 13.22 11.53
C PHE B 203 21.32 12.38 12.79
N THR B 204 20.47 11.38 13.00
CA THR B 204 20.62 10.56 14.19
C THR B 204 21.11 9.16 13.85
N THR B 205 21.01 8.79 12.59
CA THR B 205 21.45 7.48 12.14
C THR B 205 22.97 7.44 12.09
N ALA B 206 23.55 6.29 12.43
CA ALA B 206 25.00 6.13 12.43
C ALA B 206 25.47 5.11 11.40
N SER B 207 24.54 4.59 10.60
CA SER B 207 24.87 3.61 9.57
C SER B 207 25.06 4.49 8.35
N LEU B 208 26.30 4.77 7.99
CA LEU B 208 26.56 5.68 6.88
C LEU B 208 27.33 5.12 5.69
N SER B 209 28.08 4.04 5.92
CA SER B 209 28.89 3.45 4.86
C SER B 209 28.08 3.10 3.61
N PRO B 210 28.38 3.78 2.49
CA PRO B 210 27.66 3.51 1.26
C PRO B 210 27.44 2.02 0.98
N TRP B 211 28.50 1.22 1.17
CA TRP B 211 28.49 -0.23 0.90
C TRP B 211 27.60 -1.06 1.84
N LEU B 212 27.08 -0.40 2.85
CA LEU B 212 26.24 -1.03 3.83
C LEU B 212 24.81 -0.90 3.29
N LEU B 213 23.92 -1.74 3.81
CA LEU B 213 22.50 -1.66 3.46
C LEU B 213 21.83 -1.29 4.78
N SER B 214 21.57 0.01 4.94
CA SER B 214 20.99 0.56 6.16
C SER B 214 19.47 0.50 6.27
N VAL B 215 18.97 -0.45 7.06
CA VAL B 215 17.53 -0.64 7.25
C VAL B 215 16.90 0.28 8.29
N ALA B 216 15.66 0.71 8.04
CA ALA B 216 14.90 1.56 8.97
C ALA B 216 13.81 0.69 9.60
N ALA B 217 12.98 1.25 10.48
CA ALA B 217 11.94 0.47 11.13
C ALA B 217 10.58 1.07 10.83
N SER B 218 9.62 0.20 10.49
CA SER B 218 8.28 0.67 10.15
C SER B 218 7.19 -0.17 10.81
N THR B 219 6.02 0.45 10.97
CA THR B 219 4.87 -0.22 11.57
C THR B 219 4.28 -1.22 10.59
N MET B 220 3.47 -2.14 11.10
CA MET B 220 2.82 -3.11 10.22
C MET B 220 1.33 -3.08 10.45
N ASP B 221 0.65 -4.15 10.06
CA ASP B 221 -0.80 -4.28 10.20
C ASP B 221 -1.35 -4.20 11.61
N ARG B 222 -1.16 -5.27 12.37
CA ARG B 222 -1.67 -5.30 13.73
C ARG B 222 -0.87 -4.43 14.68
N LYS B 223 -1.61 -3.57 15.39
CA LYS B 223 -1.05 -2.68 16.40
C LYS B 223 -1.66 -3.06 17.74
N PHE B 224 -0.82 -3.59 18.64
CA PHE B 224 -1.31 -3.99 19.96
C PHE B 224 -1.82 -2.82 20.78
N VAL B 225 -2.86 -3.08 21.55
CA VAL B 225 -3.46 -2.07 22.40
C VAL B 225 -3.95 -2.72 23.69
N THR B 226 -3.98 -1.94 24.76
CA THR B 226 -4.42 -2.41 26.07
C THR B 226 -5.53 -1.51 26.60
N GLN B 227 -6.70 -2.09 26.84
CA GLN B 227 -7.86 -1.34 27.33
C GLN B 227 -7.70 -0.99 28.81
N VAL B 228 -8.36 0.09 29.21
CA VAL B 228 -8.32 0.52 30.59
C VAL B 228 -9.65 1.18 30.93
N GLN B 229 -10.55 0.39 31.50
CA GLN B 229 -11.87 0.90 31.87
C GLN B 229 -11.83 1.52 33.26
N ILE B 230 -11.93 2.85 33.29
CA ILE B 230 -11.90 3.61 34.53
C ILE B 230 -13.21 3.37 35.28
N GLY B 231 -13.27 3.83 36.53
CA GLY B 231 -14.47 3.64 37.33
C GLY B 231 -15.75 4.28 36.82
N ASN B 232 -15.62 5.31 35.98
CA ASN B 232 -16.78 6.00 35.43
C ASN B 232 -17.37 5.30 34.21
N GLY B 233 -17.20 3.98 34.15
CA GLY B 233 -17.70 3.21 33.03
C GLY B 233 -17.00 3.58 31.73
N GLN B 234 -16.06 4.52 31.83
CA GLN B 234 -15.30 4.98 30.67
C GLN B 234 -14.32 3.94 30.18
N SER B 235 -13.94 4.05 28.91
CA SER B 235 -13.01 3.13 28.29
C SER B 235 -11.85 3.93 27.69
N PHE B 236 -10.63 3.51 27.98
CA PHE B 236 -9.45 4.19 27.47
C PHE B 236 -8.61 3.23 26.65
N GLN B 237 -8.00 3.74 25.58
CA GLN B 237 -7.16 2.93 24.71
C GLN B 237 -5.69 3.32 24.89
N GLY B 238 -4.88 2.36 25.33
CA GLY B 238 -3.47 2.64 25.53
C GLY B 238 -2.58 1.59 24.90
N VAL B 239 -1.32 1.95 24.67
CA VAL B 239 -0.35 1.03 24.07
C VAL B 239 0.52 0.31 25.09
N SER B 240 0.75 -0.98 24.84
CA SER B 240 1.57 -1.81 25.70
C SER B 240 1.32 -3.28 25.35
N ILE B 241 2.18 -4.15 25.84
CA ILE B 241 2.04 -5.57 25.58
C ILE B 241 1.72 -6.24 26.89
N ASN B 242 0.47 -6.09 27.33
CA ASN B 242 -0.01 -6.65 28.58
C ASN B 242 -0.49 -8.09 28.44
N THR B 243 0.21 -9.02 29.08
CA THR B 243 -0.17 -10.44 29.03
C THR B 243 -0.84 -10.88 30.33
N PHE B 244 -0.92 -9.95 31.28
CA PHE B 244 -1.53 -10.19 32.59
C PHE B 244 -3.05 -10.04 32.52
N ASP B 245 -3.74 -11.18 32.56
CA ASP B 245 -5.20 -11.24 32.50
C ASP B 245 -5.93 -10.08 33.16
N ASN B 246 -7.13 -9.82 32.66
CA ASN B 246 -7.98 -8.74 33.17
C ASN B 246 -8.09 -8.84 34.68
N GLN B 247 -7.79 -7.74 35.37
CA GLN B 247 -7.85 -7.71 36.83
C GLN B 247 -8.36 -6.37 37.35
N TYR B 248 -8.65 -6.31 38.65
CA TYR B 248 -9.16 -5.07 39.25
C TYR B 248 -8.38 -4.69 40.51
N TYR B 249 -8.08 -3.40 40.64
CA TYR B 249 -7.34 -2.87 41.79
C TYR B 249 -7.77 -1.43 42.05
N PRO B 250 -7.40 -0.88 43.22
CA PRO B 250 -7.74 0.50 43.60
C PRO B 250 -6.83 1.54 42.95
N LEU B 251 -7.43 2.53 42.29
CA LEU B 251 -6.66 3.57 41.63
C LEU B 251 -5.93 4.39 42.70
N VAL B 252 -4.66 4.67 42.46
CA VAL B 252 -3.84 5.43 43.42
C VAL B 252 -2.89 6.38 42.70
N SER B 253 -3.30 7.64 42.56
CA SER B 253 -2.48 8.64 41.88
C SER B 253 -1.11 8.80 42.53
N GLY B 254 -0.28 9.68 41.95
CA GLY B 254 1.05 9.89 42.48
C GLY B 254 1.29 11.33 42.88
N ARG B 255 0.62 12.26 42.21
CA ARG B 255 0.77 13.67 42.53
C ARG B 255 0.26 13.95 43.94
N ASP B 256 -0.29 12.91 44.57
CA ASP B 256 -0.81 13.01 45.93
C ASP B 256 -0.14 12.00 46.87
N ILE B 257 1.04 11.53 46.49
CA ILE B 257 1.74 10.56 47.34
C ILE B 257 3.25 10.69 47.31
N PRO B 258 3.79 11.82 47.83
CA PRO B 258 5.23 12.07 47.87
C PRO B 258 6.00 11.06 48.73
N ASN B 259 5.36 10.61 49.81
CA ASN B 259 5.94 9.65 50.76
C ASN B 259 7.34 9.97 51.29
N THR B 260 8.38 9.71 50.50
CA THR B 260 9.76 9.94 50.91
C THR B 260 10.03 11.33 51.48
N GLY B 261 9.40 12.34 50.89
CA GLY B 261 9.59 13.70 51.37
C GLY B 261 9.52 14.71 50.25
N PHE B 262 9.56 14.21 49.01
CA PHE B 262 9.50 15.07 47.84
C PHE B 262 8.20 15.85 47.80
N ASP B 263 8.14 16.87 46.95
CA ASP B 263 6.94 17.70 46.81
C ASP B 263 6.00 17.12 45.77
N LYS B 264 4.91 17.82 45.50
CA LYS B 264 3.94 17.36 44.51
C LYS B 264 4.67 17.19 43.18
N SER B 265 5.84 17.82 43.07
CA SER B 265 6.66 17.77 41.88
C SER B 265 6.92 16.35 41.38
N THR B 266 8.19 15.93 41.48
CA THR B 266 8.60 14.59 41.05
C THR B 266 7.71 13.48 41.63
N SER B 267 6.84 13.87 42.55
CA SER B 267 5.94 12.94 43.20
C SER B 267 5.13 12.09 42.22
N ARG B 268 4.46 12.76 41.29
CA ARG B 268 3.62 12.11 40.28
C ARG B 268 4.38 11.30 39.22
N PHE B 269 5.49 11.83 38.73
CA PHE B 269 6.28 11.16 37.71
C PHE B 269 6.71 9.76 38.11
N CYS B 270 6.54 9.41 39.39
CA CYS B 270 6.90 8.09 39.89
C CYS B 270 8.37 7.77 39.74
N THR B 271 9.15 8.73 39.26
CA THR B 271 10.58 8.54 39.06
C THR B 271 11.38 8.96 40.27
N ASP B 272 12.56 8.38 40.43
CA ASP B 272 13.44 8.70 41.55
C ASP B 272 12.79 8.32 42.88
N LYS B 273 11.92 7.32 42.83
CA LYS B 273 11.24 6.80 44.00
C LYS B 273 10.46 7.86 44.78
N SER B 274 9.91 8.84 44.08
CA SER B 274 9.14 9.91 44.73
C SER B 274 7.85 9.39 45.35
N VAL B 275 7.77 8.07 45.53
CA VAL B 275 6.59 7.44 46.13
C VAL B 275 7.04 6.13 46.78
N ASN B 276 6.56 5.87 47.99
CA ASN B 276 6.92 4.65 48.70
C ASN B 276 5.73 3.68 48.80
N PRO B 277 6.04 2.38 48.98
CA PRO B 277 5.03 1.32 49.10
C PRO B 277 3.87 1.66 50.03
N ASN B 278 4.01 2.74 50.79
CA ASN B 278 2.97 3.17 51.72
C ASN B 278 1.58 3.08 51.11
N LEU B 279 1.19 4.16 50.43
CA LEU B 279 -0.11 4.25 49.79
C LEU B 279 -0.10 3.56 48.42
N LEU B 280 0.55 2.41 48.34
CA LEU B 280 0.65 1.67 47.08
C LEU B 280 0.45 0.17 47.27
N LYS B 281 1.47 -0.47 47.86
CA LYS B 281 1.47 -1.91 48.13
C LYS B 281 0.26 -2.70 47.65
N GLY B 282 0.30 -3.14 46.40
CA GLY B 282 -0.79 -3.92 45.83
C GLY B 282 -1.91 -3.11 45.21
N LYS B 283 -1.55 -2.07 44.44
CA LYS B 283 -2.54 -1.23 43.79
C LYS B 283 -2.09 -0.82 42.39
N ILE B 284 -2.70 0.25 41.87
CA ILE B 284 -2.37 0.76 40.55
C ILE B 284 -1.98 2.24 40.65
N VAL B 285 -0.85 2.59 40.06
CA VAL B 285 -0.37 3.98 40.12
C VAL B 285 -0.65 4.76 38.83
N VAL B 286 -0.88 6.06 38.98
CA VAL B 286 -1.15 6.93 37.84
C VAL B 286 -0.01 7.92 37.67
N CYS B 287 0.99 7.52 36.88
CA CYS B 287 2.16 8.35 36.63
C CYS B 287 2.00 9.25 35.41
N GLU B 288 2.50 10.48 35.51
CA GLU B 288 2.40 11.44 34.42
C GLU B 288 3.66 11.48 33.55
N ALA B 289 4.18 10.30 33.25
CA ALA B 289 5.39 10.18 32.42
C ALA B 289 5.57 8.73 32.01
N SER B 290 6.49 8.48 31.09
CA SER B 290 6.73 7.13 30.62
C SER B 290 8.12 6.65 31.01
N PHE B 291 8.22 5.38 31.38
CA PHE B 291 9.49 4.78 31.75
C PHE B 291 9.45 3.28 31.44
N GLY B 292 10.59 2.62 31.57
CA GLY B 292 10.65 1.19 31.29
C GLY B 292 10.57 0.31 32.51
N PRO B 293 11.00 -0.96 32.38
CA PRO B 293 10.98 -1.94 33.47
C PRO B 293 11.74 -1.48 34.72
N HIS B 294 12.93 -0.93 34.53
CA HIS B 294 13.73 -0.46 35.65
C HIS B 294 12.93 0.29 36.70
N GLU B 295 12.35 1.42 36.33
CA GLU B 295 11.57 2.22 37.26
C GLU B 295 10.45 1.42 37.92
N PHE B 296 10.12 0.27 37.35
CA PHE B 296 9.08 -0.59 37.92
C PHE B 296 9.68 -1.24 39.16
N PHE B 297 10.71 -2.07 38.96
CA PHE B 297 11.38 -2.74 40.06
C PHE B 297 11.81 -1.73 41.10
N LYS B 298 12.33 -0.59 40.63
CA LYS B 298 12.82 0.48 41.48
C LYS B 298 11.78 1.23 42.30
N SER B 299 11.35 2.37 41.79
CA SER B 299 10.41 3.26 42.46
C SER B 299 8.96 2.81 42.71
N LEU B 300 8.60 1.57 42.35
CA LEU B 300 7.24 1.11 42.58
C LEU B 300 7.14 -0.34 43.01
N ASP B 301 8.29 -0.96 43.27
CA ASP B 301 8.36 -2.35 43.69
C ASP B 301 7.32 -2.69 44.76
N GLY B 302 6.29 -3.44 44.36
CA GLY B 302 5.25 -3.80 45.32
C GLY B 302 3.87 -3.90 44.69
N ALA B 303 3.36 -2.78 44.18
CA ALA B 303 2.05 -2.76 43.56
C ALA B 303 1.95 -3.76 42.42
N ALA B 304 0.77 -3.85 41.81
CA ALA B 304 0.54 -4.78 40.70
C ALA B 304 -0.20 -4.08 39.56
N GLY B 305 0.05 -2.80 39.37
CA GLY B 305 -0.60 -2.04 38.30
C GLY B 305 -0.13 -0.61 38.15
N VAL B 306 0.13 -0.21 36.91
CA VAL B 306 0.58 1.15 36.60
C VAL B 306 -0.07 1.67 35.31
N LEU B 307 -0.16 3.00 35.18
CA LEU B 307 -0.74 3.61 34.00
C LEU B 307 0.10 4.80 33.59
N MET B 308 1.03 4.56 32.67
CA MET B 308 1.95 5.59 32.18
C MET B 308 1.38 6.49 31.09
N THR B 309 2.23 7.35 30.54
CA THR B 309 1.83 8.30 29.50
C THR B 309 2.97 8.98 28.74
N SER B 310 2.66 9.35 27.50
CA SER B 310 3.55 10.04 26.58
C SER B 310 2.71 10.27 25.33
N ASN B 311 2.96 11.34 24.60
CA ASN B 311 2.17 11.61 23.41
C ASN B 311 2.62 10.78 22.19
N THR B 312 3.60 9.90 22.41
CA THR B 312 4.10 9.05 21.35
C THR B 312 3.76 7.59 21.67
N ARG B 313 2.77 7.06 20.96
CA ARG B 313 2.31 5.69 21.16
C ARG B 313 2.25 4.87 19.88
N ASP B 314 3.29 4.95 19.05
CA ASP B 314 3.29 4.19 17.80
C ASP B 314 3.98 2.83 17.93
N TYR B 315 3.94 2.27 19.14
CA TYR B 315 4.54 0.95 19.41
C TYR B 315 4.39 0.54 20.86
N ALA B 316 4.49 -0.75 21.14
CA ALA B 316 4.32 -1.24 22.50
C ALA B 316 5.50 -2.03 23.04
N ASP B 317 5.59 -2.07 24.37
CA ASP B 317 6.62 -2.80 25.12
C ASP B 317 5.92 -3.54 26.26
N SER B 318 6.49 -4.66 26.69
CA SER B 318 5.90 -5.40 27.80
C SER B 318 6.52 -4.96 29.13
N TYR B 319 5.68 -4.76 30.13
CA TYR B 319 6.13 -4.33 31.44
C TYR B 319 6.01 -5.44 32.51
N PRO B 320 6.63 -5.23 33.70
CA PRO B 320 6.62 -6.18 34.82
C PRO B 320 5.28 -6.27 35.56
N LEU B 321 4.42 -5.29 35.36
CA LEU B 321 3.14 -5.29 36.03
C LEU B 321 2.04 -4.74 35.15
N PRO B 322 0.81 -5.26 35.30
CA PRO B 322 -0.34 -4.84 34.51
C PRO B 322 -0.39 -3.32 34.31
N SER B 323 -0.06 -2.88 33.10
CA SER B 323 -0.04 -1.46 32.77
C SER B 323 -0.46 -1.14 31.34
N SER B 324 -0.36 0.13 30.98
CA SER B 324 -0.74 0.60 29.66
C SER B 324 -0.51 2.11 29.54
N VAL B 325 0.29 2.52 28.56
CA VAL B 325 0.57 3.93 28.34
C VAL B 325 -0.66 4.56 27.70
N LEU B 326 -1.19 5.60 28.32
CA LEU B 326 -2.39 6.24 27.81
C LEU B 326 -2.13 7.62 27.21
N ASP B 327 -3.12 8.10 26.48
CA ASP B 327 -3.02 9.42 25.86
C ASP B 327 -3.14 10.42 26.99
N PRO B 328 -2.29 11.45 26.99
CA PRO B 328 -2.33 12.47 28.03
C PRO B 328 -3.75 12.94 28.40
N ASN B 329 -4.65 12.97 27.43
CA ASN B 329 -6.02 13.41 27.67
C ASN B 329 -6.80 12.39 28.50
N ASP B 330 -6.46 11.12 28.36
CA ASP B 330 -7.12 10.08 29.13
C ASP B 330 -6.60 10.09 30.56
N LEU B 331 -5.62 10.95 30.82
CA LEU B 331 -5.07 11.08 32.17
C LEU B 331 -5.73 12.29 32.82
N LEU B 332 -5.84 13.38 32.06
CA LEU B 332 -6.49 14.59 32.57
C LEU B 332 -7.96 14.26 32.68
N ALA B 333 -8.25 12.97 32.65
CA ALA B 333 -9.60 12.44 32.76
C ALA B 333 -9.55 11.46 33.92
N THR B 334 -8.46 10.68 33.98
CA THR B 334 -8.29 9.71 35.04
C THR B 334 -7.97 10.47 36.33
N LEU B 335 -7.59 11.73 36.16
CA LEU B 335 -7.28 12.59 37.32
C LEU B 335 -8.59 13.09 37.91
N ARG B 336 -9.46 13.63 37.05
CA ARG B 336 -10.76 14.14 37.48
C ARG B 336 -11.56 13.04 38.16
N TYR B 337 -11.14 11.81 37.98
CA TYR B 337 -11.80 10.65 38.58
C TYR B 337 -11.21 10.31 39.95
N ILE B 338 -9.96 10.72 40.15
CA ILE B 338 -9.27 10.47 41.41
C ILE B 338 -9.79 11.44 42.47
N TYR B 339 -10.58 12.42 42.03
CA TYR B 339 -11.17 13.41 42.92
C TYR B 339 -12.53 12.93 43.41
N SER B 340 -12.49 11.83 44.17
CA SER B 340 -13.65 11.16 44.75
C SER B 340 -13.11 9.91 45.43
N ILE B 341 -11.82 9.95 45.78
CA ILE B 341 -11.12 8.84 46.41
C ILE B 341 -11.99 8.00 47.36
N ARG B 342 -11.66 6.72 47.43
CA ARG B 342 -12.35 5.74 48.27
C ARG B 342 -11.80 4.39 47.84
N SER B 343 -11.71 4.23 46.51
CA SER B 343 -11.20 3.03 45.87
C SER B 343 -11.48 3.22 44.38
N PRO B 344 -11.02 4.36 43.81
CA PRO B 344 -11.24 4.64 42.39
C PRO B 344 -11.09 3.41 41.50
N GLY B 345 -12.14 3.12 40.73
CA GLY B 345 -12.14 1.96 39.87
C GLY B 345 -11.30 2.06 38.62
N ALA B 346 -10.91 0.89 38.11
CA ALA B 346 -10.10 0.79 36.90
C ALA B 346 -9.70 -0.67 36.68
N THR B 347 -10.01 -1.17 35.47
CA THR B 347 -9.69 -2.55 35.11
C THR B 347 -8.69 -2.55 33.95
N ILE B 348 -7.59 -3.27 34.12
CA ILE B 348 -6.56 -3.36 33.08
C ILE B 348 -6.70 -4.66 32.32
N PHE B 349 -7.35 -4.58 31.16
CA PHE B 349 -7.59 -5.74 30.32
C PHE B 349 -6.33 -6.29 29.66
N LYS B 350 -6.35 -7.59 29.42
CA LYS B 350 -5.25 -8.28 28.76
C LYS B 350 -5.09 -7.54 27.43
N SER B 351 -4.07 -7.89 26.66
CA SER B 351 -3.88 -7.20 25.40
C SER B 351 -4.63 -7.79 24.23
N THR B 352 -4.94 -6.92 23.27
CA THR B 352 -5.64 -7.30 22.05
C THR B 352 -4.99 -6.56 20.88
N THR B 353 -5.50 -6.82 19.69
CA THR B 353 -4.96 -6.18 18.50
C THR B 353 -5.99 -5.57 17.59
N ILE B 354 -5.63 -4.45 16.98
CA ILE B 354 -6.47 -3.73 16.03
C ILE B 354 -5.64 -3.63 14.74
N LEU B 355 -6.25 -3.18 13.65
CA LEU B 355 -5.54 -3.06 12.39
C LEU B 355 -5.36 -1.60 12.07
N ASN B 356 -4.17 -1.25 11.59
CA ASN B 356 -3.90 0.13 11.24
C ASN B 356 -3.68 0.23 9.74
N ALA B 357 -4.62 0.86 9.05
CA ALA B 357 -4.55 1.00 7.61
C ALA B 357 -3.43 1.91 7.13
N SER B 358 -2.86 2.70 8.02
CA SER B 358 -1.80 3.60 7.61
C SER B 358 -0.44 2.93 7.43
N ALA B 359 -0.24 1.75 8.02
CA ALA B 359 1.03 1.05 7.86
C ALA B 359 1.31 0.92 6.38
N PRO B 360 2.58 1.01 5.97
CA PRO B 360 3.76 1.23 6.80
C PRO B 360 4.08 2.70 7.01
N VAL B 361 4.52 3.03 8.22
CA VAL B 361 4.92 4.39 8.56
C VAL B 361 6.14 4.13 9.42
N VAL B 362 7.26 4.77 9.11
CA VAL B 362 8.46 4.54 9.93
C VAL B 362 8.17 5.02 11.35
N VAL B 363 8.51 4.18 12.32
CA VAL B 363 8.27 4.47 13.74
C VAL B 363 9.12 5.61 14.32
N SER B 364 8.53 6.35 15.26
CA SER B 364 9.17 7.49 15.89
C SER B 364 10.65 7.35 16.29
N PHE B 365 11.04 6.19 16.79
CA PHE B 365 12.43 5.99 17.23
C PHE B 365 13.46 5.67 16.14
N SER B 366 13.02 5.24 14.97
CA SER B 366 13.94 4.91 13.88
C SER B 366 14.83 6.12 13.50
N SER B 367 16.15 5.88 13.44
CA SER B 367 17.10 6.94 13.14
C SER B 367 16.95 7.56 11.75
N ARG B 368 16.94 8.89 11.72
CA ARG B 368 16.79 9.64 10.48
C ARG B 368 18.11 10.15 9.94
N GLY B 369 18.11 10.49 8.66
CA GLY B 369 19.29 11.03 8.03
C GLY B 369 19.14 12.54 8.06
N PRO B 370 19.87 13.28 7.22
CA PRO B 370 20.82 12.68 6.28
C PRO B 370 22.10 12.14 6.90
N ASN B 371 22.93 11.57 6.04
CA ASN B 371 24.22 11.02 6.43
C ASN B 371 25.12 12.21 6.81
N ARG B 372 25.54 12.26 8.08
CA ARG B 372 26.38 13.36 8.55
C ARG B 372 27.78 13.36 7.95
N ALA B 373 28.25 12.17 7.55
CA ALA B 373 29.58 12.02 6.96
C ALA B 373 29.62 12.60 5.55
N THR B 374 28.55 12.35 4.79
CA THR B 374 28.41 12.84 3.40
C THR B 374 26.92 12.88 3.10
N LYS B 375 26.28 14.04 3.31
CA LYS B 375 24.85 14.13 3.05
C LYS B 375 24.43 14.15 1.57
N ASP B 376 25.34 13.69 0.72
CA ASP B 376 25.07 13.62 -0.71
C ASP B 376 24.74 12.18 -1.08
N VAL B 377 24.89 11.29 -0.10
CA VAL B 377 24.56 9.87 -0.25
C VAL B 377 23.46 9.65 0.79
N ILE B 378 22.22 9.63 0.32
CA ILE B 378 21.04 9.47 1.17
C ILE B 378 21.06 8.25 2.11
N LYS B 379 20.46 8.43 3.28
CA LYS B 379 20.42 7.39 4.31
C LYS B 379 19.23 7.68 5.25
N PRO B 380 18.56 6.63 5.76
CA PRO B 380 18.81 5.20 5.54
C PRO B 380 18.51 4.80 4.08
N ASP B 381 18.46 3.50 3.80
CA ASP B 381 18.22 3.02 2.45
C ASP B 381 16.88 2.35 2.17
N ILE B 382 16.28 1.75 3.19
CA ILE B 382 15.03 1.03 2.97
C ILE B 382 14.35 0.79 4.33
N SER B 383 13.04 0.56 4.32
CA SER B 383 12.32 0.32 5.56
C SER B 383 11.89 -1.13 5.62
N GLY B 384 11.48 -1.59 6.79
CA GLY B 384 11.06 -2.97 6.93
C GLY B 384 10.25 -3.08 8.20
N PRO B 385 9.50 -4.17 8.42
CA PRO B 385 8.72 -4.27 9.66
C PRO B 385 9.67 -4.39 10.85
N GLY B 386 9.55 -3.47 11.79
CA GLY B 386 10.41 -3.51 12.95
C GLY B 386 9.67 -3.19 14.23
N VAL B 387 8.36 -3.01 14.12
CA VAL B 387 7.54 -2.71 15.30
C VAL B 387 6.71 -3.91 15.72
N GLU B 388 6.80 -4.22 17.02
CA GLU B 388 6.07 -5.31 17.65
C GLU B 388 6.19 -6.65 16.95
N ILE B 389 7.41 -6.99 16.52
CA ILE B 389 7.67 -8.27 15.85
C ILE B 389 7.80 -9.39 16.87
N LEU B 390 7.11 -10.49 16.64
CA LEU B 390 7.17 -11.64 17.53
C LEU B 390 8.09 -12.68 16.92
N ALA B 391 9.09 -13.13 17.68
CA ALA B 391 10.03 -14.15 17.21
C ALA B 391 10.56 -14.98 18.39
N ALA B 392 11.40 -15.97 18.07
CA ALA B 392 12.00 -16.88 19.05
C ALA B 392 12.60 -16.22 20.28
N TRP B 393 12.60 -16.93 21.40
CA TRP B 393 13.14 -16.40 22.64
C TRP B 393 13.72 -17.51 23.53
N PRO B 394 14.72 -17.18 24.37
CA PRO B 394 15.33 -18.18 25.25
C PRO B 394 14.39 -18.42 26.43
N SER B 395 14.26 -19.69 26.83
CA SER B 395 13.38 -20.05 27.93
C SER B 395 13.76 -19.35 29.23
N VAL B 396 15.04 -19.06 29.36
CA VAL B 396 15.61 -18.40 30.54
C VAL B 396 15.48 -16.87 30.54
N ALA B 397 15.74 -16.27 29.39
CA ALA B 397 15.72 -14.82 29.23
C ALA B 397 14.45 -14.09 29.66
N PRO B 398 14.63 -12.92 30.30
CA PRO B 398 13.53 -12.09 30.80
C PRO B 398 12.63 -11.59 29.68
N VAL B 399 11.46 -11.09 30.07
CA VAL B 399 10.46 -10.56 29.15
C VAL B 399 9.74 -9.46 29.91
N GLY B 400 9.93 -8.22 29.49
CA GLY B 400 9.27 -7.13 30.18
C GLY B 400 9.81 -7.03 31.60
N GLY B 401 10.97 -7.64 31.84
CA GLY B 401 11.58 -7.60 33.16
C GLY B 401 11.47 -8.93 33.90
N ILE B 402 10.27 -9.50 33.88
CA ILE B 402 9.98 -10.75 34.55
C ILE B 402 10.24 -11.95 33.66
N ARG B 403 10.42 -13.10 34.28
CA ARG B 403 10.65 -14.34 33.54
C ARG B 403 9.29 -14.96 33.28
N ARG B 404 8.98 -15.19 32.01
CA ARG B 404 7.69 -15.76 31.64
C ARG B 404 7.85 -17.12 30.97
N ASN B 405 6.77 -17.88 30.91
CA ASN B 405 6.81 -19.21 30.30
C ASN B 405 6.46 -19.11 28.82
N THR B 406 7.49 -19.06 27.98
CA THR B 406 7.30 -18.93 26.54
C THR B 406 8.53 -19.33 25.72
N LEU B 407 8.31 -19.44 24.42
CA LEU B 407 9.38 -19.78 23.50
C LEU B 407 9.47 -18.63 22.51
N PHE B 408 8.67 -17.59 22.76
CA PHE B 408 8.63 -16.44 21.86
C PHE B 408 8.40 -15.15 22.62
N ASN B 409 8.88 -14.06 22.04
CA ASN B 409 8.72 -12.73 22.63
C ASN B 409 8.55 -11.74 21.47
N ILE B 410 7.93 -10.60 21.75
CA ILE B 410 7.74 -9.60 20.73
C ILE B 410 8.36 -8.27 21.16
N ILE B 411 9.22 -7.72 20.31
CA ILE B 411 9.89 -6.46 20.62
C ILE B 411 10.00 -5.56 19.40
N SER B 412 10.25 -4.28 19.64
CA SER B 412 10.35 -3.30 18.56
C SER B 412 11.79 -2.86 18.34
N GLY B 413 12.03 -2.13 17.25
CA GLY B 413 13.37 -1.66 16.95
C GLY B 413 13.92 -1.99 15.57
N THR B 414 14.87 -1.18 15.12
CA THR B 414 15.49 -1.38 13.82
C THR B 414 16.34 -2.64 13.85
N SER B 415 16.45 -3.24 15.03
CA SER B 415 17.20 -4.47 15.14
C SER B 415 16.30 -5.63 14.70
N MET B 416 15.01 -5.36 14.61
CA MET B 416 14.04 -6.36 14.17
C MET B 416 13.77 -6.22 12.66
N SER B 417 13.80 -5.00 12.15
CA SER B 417 13.59 -4.78 10.73
C SER B 417 14.84 -5.23 9.98
N CYS B 418 16.01 -4.97 10.54
CA CYS B 418 17.25 -5.38 9.91
C CYS B 418 17.23 -6.87 9.45
N PRO B 419 16.88 -7.80 10.36
CA PRO B 419 16.81 -9.25 10.06
C PRO B 419 15.89 -9.57 8.88
N HIS B 420 14.81 -8.81 8.75
CA HIS B 420 13.87 -9.03 7.67
C HIS B 420 14.57 -8.83 6.35
N ILE B 421 15.29 -7.72 6.23
CA ILE B 421 16.01 -7.44 5.00
C ILE B 421 17.07 -8.50 4.75
N THR B 422 17.63 -9.04 5.82
CA THR B 422 18.64 -10.06 5.65
C THR B 422 18.01 -11.30 5.02
N GLY B 423 16.80 -11.60 5.46
CA GLY B 423 16.09 -12.74 4.91
C GLY B 423 15.71 -12.49 3.46
N ILE B 424 15.11 -11.33 3.21
CA ILE B 424 14.72 -10.96 1.86
C ILE B 424 15.95 -10.91 0.98
N ALA B 425 17.06 -10.44 1.53
CA ALA B 425 18.30 -10.36 0.77
C ALA B 425 18.77 -11.76 0.38
N THR B 426 18.85 -12.63 1.38
CA THR B 426 19.28 -14.01 1.16
C THR B 426 18.32 -14.71 0.19
N TYR B 427 17.03 -14.37 0.27
CA TYR B 427 16.05 -14.96 -0.61
C TYR B 427 16.42 -14.55 -2.02
N VAL B 428 16.53 -13.24 -2.24
CA VAL B 428 16.91 -12.70 -3.53
C VAL B 428 18.22 -13.34 -3.98
N LYS B 429 19.08 -13.62 -3.01
CA LYS B 429 20.36 -14.24 -3.33
C LYS B 429 20.28 -15.71 -3.75
N THR B 430 19.29 -16.46 -3.27
CA THR B 430 19.22 -17.86 -3.68
C THR B 430 18.79 -17.96 -5.14
N TYR B 431 18.13 -16.92 -5.63
CA TYR B 431 17.70 -16.90 -7.02
C TYR B 431 18.78 -16.33 -7.91
N ASN B 432 19.70 -15.56 -7.32
CA ASN B 432 20.78 -14.93 -8.08
C ASN B 432 22.10 -15.10 -7.35
N PRO B 433 22.54 -16.35 -7.21
CA PRO B 433 23.79 -16.69 -6.51
C PRO B 433 25.09 -16.02 -6.96
N THR B 434 25.10 -15.38 -8.12
CA THR B 434 26.33 -14.76 -8.59
C THR B 434 26.40 -13.24 -8.52
N TRP B 435 25.33 -12.61 -8.04
CA TRP B 435 25.32 -11.16 -7.91
C TRP B 435 26.24 -10.71 -6.78
N SER B 436 26.75 -9.48 -6.92
CA SER B 436 27.64 -8.87 -5.94
C SER B 436 26.75 -8.28 -4.87
N PRO B 437 27.34 -7.80 -3.76
CA PRO B 437 26.52 -7.21 -2.71
C PRO B 437 25.76 -6.00 -3.26
N ALA B 438 26.47 -5.06 -3.89
CA ALA B 438 25.84 -3.88 -4.47
C ALA B 438 24.65 -4.27 -5.35
N ALA B 439 24.82 -5.30 -6.17
CA ALA B 439 23.73 -5.74 -7.04
C ALA B 439 22.47 -6.08 -6.25
N ILE B 440 22.64 -6.83 -5.15
CA ILE B 440 21.54 -7.25 -4.29
C ILE B 440 20.89 -6.08 -3.58
N LYS B 441 21.71 -5.16 -3.09
CA LYS B 441 21.20 -3.98 -2.41
C LYS B 441 20.38 -3.19 -3.44
N SER B 442 20.91 -3.05 -4.64
CA SER B 442 20.24 -2.33 -5.73
C SER B 442 18.88 -2.99 -6.03
N ALA B 443 18.87 -4.31 -6.03
CA ALA B 443 17.67 -5.10 -6.29
C ALA B 443 16.52 -4.80 -5.31
N LEU B 444 16.82 -4.67 -4.02
CA LEU B 444 15.76 -4.39 -3.06
C LEU B 444 15.30 -2.93 -3.13
N MET B 445 16.26 -2.02 -3.26
CA MET B 445 15.98 -0.60 -3.33
C MET B 445 15.20 -0.15 -4.55
N THR B 446 15.65 -0.50 -5.75
CA THR B 446 14.96 -0.06 -6.97
C THR B 446 13.58 -0.66 -7.08
N THR B 447 13.38 -1.72 -6.30
CA THR B 447 12.14 -2.49 -6.27
C THR B 447 11.22 -2.19 -5.09
N ALA B 448 11.73 -1.47 -4.09
CA ALA B 448 10.97 -1.13 -2.89
C ALA B 448 9.67 -0.45 -3.24
N SER B 449 8.75 -0.41 -2.28
CA SER B 449 7.45 0.23 -2.47
C SER B 449 7.53 1.64 -1.94
N PRO B 450 7.17 2.63 -2.75
CA PRO B 450 7.27 3.99 -2.17
C PRO B 450 6.39 4.23 -0.94
N MET B 451 6.86 5.12 -0.06
CA MET B 451 6.12 5.42 1.16
C MET B 451 5.61 6.86 1.19
N ASN B 452 4.61 7.11 2.02
CA ASN B 452 3.97 8.42 2.12
C ASN B 452 4.74 9.50 2.89
N ALA B 453 5.18 10.54 2.19
CA ALA B 453 5.89 11.63 2.83
C ALA B 453 4.86 12.46 3.59
N ARG B 454 3.61 12.02 3.52
CA ARG B 454 2.50 12.68 4.20
C ARG B 454 2.47 12.19 5.63
N PHE B 455 3.02 10.99 5.85
CA PHE B 455 3.08 10.37 7.17
C PHE B 455 4.46 10.54 7.80
N ASN B 456 5.45 10.81 6.95
CA ASN B 456 6.85 11.02 7.34
C ASN B 456 7.40 12.14 6.46
N PRO B 457 7.10 13.39 6.82
CA PRO B 457 7.56 14.56 6.06
C PRO B 457 9.06 14.63 5.79
N GLN B 458 9.83 13.82 6.52
CA GLN B 458 11.27 13.83 6.33
C GLN B 458 11.61 13.00 5.10
N ALA B 459 10.58 12.42 4.49
CA ALA B 459 10.74 11.62 3.28
C ALA B 459 11.76 10.51 3.37
N GLU B 460 12.67 10.47 2.39
CA GLU B 460 13.70 9.43 2.33
C GLU B 460 14.69 9.41 3.50
N PHE B 461 14.71 10.45 4.31
CA PHE B 461 15.61 10.45 5.46
C PHE B 461 15.01 9.62 6.60
N ALA B 462 13.82 9.07 6.34
CA ALA B 462 13.12 8.23 7.30
C ALA B 462 13.04 6.81 6.73
N TYR B 463 12.38 6.68 5.59
CA TYR B 463 12.19 5.37 4.96
C TYR B 463 13.14 5.04 3.84
N GLY B 464 14.11 5.92 3.60
CA GLY B 464 15.05 5.67 2.53
C GLY B 464 14.31 5.63 1.22
N SER B 465 14.52 4.58 0.42
CA SER B 465 13.85 4.50 -0.87
C SER B 465 12.55 3.71 -0.88
N GLY B 466 11.99 3.41 0.29
CA GLY B 466 10.73 2.69 0.31
C GLY B 466 10.58 1.49 1.23
N HIS B 467 9.52 0.72 1.00
CA HIS B 467 9.22 -0.48 1.79
C HIS B 467 9.61 -1.74 1.02
N VAL B 468 10.45 -2.58 1.62
CA VAL B 468 10.88 -3.80 0.96
C VAL B 468 9.72 -4.51 0.29
N ASN B 469 10.02 -5.11 -0.86
CA ASN B 469 9.00 -5.83 -1.59
C ASN B 469 9.68 -7.08 -2.11
N PRO B 470 9.84 -8.10 -1.25
CA PRO B 470 10.47 -9.41 -1.51
C PRO B 470 10.34 -9.98 -2.91
N LEU B 471 9.14 -10.37 -3.30
CA LEU B 471 8.94 -10.98 -4.61
C LEU B 471 9.42 -10.16 -5.81
N LYS B 472 9.28 -8.84 -5.73
CA LYS B 472 9.74 -7.98 -6.82
C LYS B 472 11.26 -7.95 -6.90
N ALA B 473 11.91 -7.87 -5.74
CA ALA B 473 13.37 -7.81 -5.66
C ALA B 473 14.07 -8.97 -6.37
N VAL B 474 13.37 -10.10 -6.52
CA VAL B 474 13.92 -11.27 -7.17
C VAL B 474 14.26 -11.01 -8.66
N ARG B 475 13.51 -10.11 -9.29
CA ARG B 475 13.77 -9.81 -10.70
C ARG B 475 13.71 -8.32 -10.99
N PRO B 476 14.77 -7.60 -10.61
CA PRO B 476 14.98 -6.16 -10.75
C PRO B 476 14.98 -5.65 -12.18
N GLY B 477 15.38 -6.52 -13.11
CA GLY B 477 15.48 -6.11 -14.51
C GLY B 477 16.88 -5.54 -14.67
N LEU B 478 17.10 -4.37 -14.10
CA LEU B 478 18.40 -3.72 -14.15
C LEU B 478 18.91 -3.57 -12.73
N VAL B 479 20.23 -3.41 -12.59
CA VAL B 479 20.84 -3.24 -11.28
C VAL B 479 21.98 -2.22 -11.31
N TYR B 480 22.11 -1.43 -10.24
CA TYR B 480 23.18 -0.44 -10.13
C TYR B 480 24.41 -1.07 -9.46
N ASP B 481 25.17 -1.82 -10.25
CA ASP B 481 26.34 -2.51 -9.75
C ASP B 481 27.49 -1.58 -9.33
N ALA B 482 27.95 -1.76 -8.09
CA ALA B 482 29.06 -0.98 -7.54
C ALA B 482 30.08 -2.01 -7.08
N ASN B 483 31.17 -1.53 -6.50
CA ASN B 483 32.22 -2.43 -6.08
C ASN B 483 33.32 -1.68 -5.31
N GLU B 484 34.03 -2.38 -4.43
CA GLU B 484 35.12 -1.79 -3.62
C GLU B 484 35.93 -0.74 -4.39
N SER B 485 36.16 -1.00 -5.67
CA SER B 485 36.90 -0.10 -6.55
C SER B 485 36.21 1.27 -6.71
N ASP B 486 34.88 1.28 -6.68
CA ASP B 486 34.11 2.50 -6.81
C ASP B 486 34.10 3.32 -5.52
N TYR B 487 34.17 2.62 -4.39
CA TYR B 487 34.17 3.27 -3.09
C TYR B 487 35.52 3.91 -2.76
N VAL B 488 36.58 3.36 -3.34
CA VAL B 488 37.93 3.88 -3.10
C VAL B 488 38.19 5.10 -3.99
N LYS B 489 37.17 5.55 -4.69
CA LYS B 489 37.29 6.73 -5.56
C LYS B 489 36.77 7.97 -4.84
N PHE B 490 36.78 7.93 -3.51
CA PHE B 490 36.35 9.07 -2.70
C PHE B 490 37.59 9.95 -2.45
N LEU B 491 37.80 10.90 -3.36
CA LEU B 491 38.93 11.82 -3.30
C LEU B 491 38.45 13.24 -3.04
N ARG B 518 33.18 12.67 -7.94
CA ARG B 518 33.08 12.46 -6.50
C ARG B 518 31.70 11.87 -6.18
N VAL B 519 31.29 11.99 -4.91
CA VAL B 519 30.01 11.47 -4.42
C VAL B 519 28.87 11.26 -5.45
N TRP B 520 28.51 12.31 -6.18
CA TRP B 520 27.43 12.25 -7.17
C TRP B 520 27.64 11.25 -8.30
N ASP B 521 28.88 10.82 -8.51
CA ASP B 521 29.22 9.88 -9.57
C ASP B 521 29.45 8.44 -9.08
N LEU B 522 29.02 8.17 -7.84
CA LEU B 522 29.12 6.83 -7.24
C LEU B 522 27.90 6.05 -7.75
N ASN B 523 28.10 4.83 -8.23
CA ASN B 523 26.97 4.08 -8.78
C ASN B 523 26.03 3.65 -7.66
N TYR B 524 25.13 4.54 -7.29
CA TYR B 524 24.22 4.30 -6.19
C TYR B 524 22.75 4.33 -6.63
N PRO B 525 21.92 3.38 -6.15
CA PRO B 525 20.49 3.25 -6.46
C PRO B 525 19.61 4.44 -6.03
N SER B 526 20.20 5.60 -5.82
CA SER B 526 19.42 6.77 -5.46
C SER B 526 20.31 8.00 -5.56
N PHE B 527 19.72 9.19 -5.65
CA PHE B 527 20.50 10.42 -5.78
C PHE B 527 20.24 11.37 -4.62
N GLY B 528 21.31 11.99 -4.13
CA GLY B 528 21.19 12.94 -3.04
C GLY B 528 21.93 14.23 -3.38
N LEU B 529 21.46 15.35 -2.86
CA LEU B 529 22.12 16.63 -3.11
C LEU B 529 21.87 17.64 -2.00
N SER B 530 22.95 18.10 -1.39
CA SER B 530 22.90 19.07 -0.31
C SER B 530 23.14 20.43 -0.95
N VAL B 531 22.15 21.31 -0.86
CA VAL B 531 22.25 22.64 -1.46
C VAL B 531 21.91 23.74 -0.46
N SER B 532 21.95 24.99 -0.91
CA SER B 532 21.63 26.13 -0.03
C SER B 532 20.21 26.62 -0.23
N PRO B 533 19.56 27.03 0.87
CA PRO B 533 18.17 27.52 0.83
C PRO B 533 18.01 28.73 -0.09
N SER B 534 16.91 28.72 -0.85
CA SER B 534 16.58 29.80 -1.79
C SER B 534 17.69 30.19 -2.76
N GLN B 535 18.72 29.35 -2.85
CA GLN B 535 19.81 29.61 -3.79
C GLN B 535 19.69 28.62 -4.94
N THR B 536 19.95 29.10 -6.15
CA THR B 536 19.85 28.24 -7.32
C THR B 536 20.93 27.17 -7.32
N PHE B 537 20.75 26.14 -8.14
CA PHE B 537 21.72 25.08 -8.22
C PHE B 537 21.57 24.24 -9.48
N ASN B 538 22.69 23.73 -9.97
CA ASN B 538 22.71 22.90 -11.16
C ASN B 538 23.80 21.85 -11.02
N GLN B 539 23.40 20.61 -10.76
CA GLN B 539 24.33 19.50 -10.58
C GLN B 539 23.89 18.30 -11.41
N TYR B 540 24.83 17.46 -11.81
CA TYR B 540 24.51 16.29 -12.60
C TYR B 540 25.06 15.01 -11.94
N PHE B 541 24.54 13.86 -12.35
CA PHE B 541 24.99 12.59 -11.78
C PHE B 541 25.17 11.52 -12.86
N ASN B 542 26.28 10.79 -12.82
CA ASN B 542 26.52 9.73 -13.78
C ASN B 542 26.21 8.37 -13.16
N ARG B 543 25.62 7.48 -13.94
CA ARG B 543 25.27 6.14 -13.47
C ARG B 543 25.43 5.10 -14.57
N THR B 544 25.55 3.84 -14.17
CA THR B 544 25.67 2.74 -15.12
C THR B 544 24.78 1.59 -14.70
N LEU B 545 23.85 1.23 -15.56
CA LEU B 545 22.91 0.14 -15.31
C LEU B 545 23.39 -1.13 -15.98
N THR B 546 23.27 -2.26 -15.28
CA THR B 546 23.69 -3.55 -15.81
C THR B 546 22.46 -4.45 -15.93
N SER B 547 22.21 -4.97 -17.13
CA SER B 547 21.06 -5.83 -17.28
C SER B 547 21.29 -7.15 -16.58
N VAL B 548 20.29 -7.58 -15.83
CA VAL B 548 20.38 -8.83 -15.10
C VAL B 548 19.33 -9.83 -15.60
N ALA B 549 18.55 -9.41 -16.60
CA ALA B 549 17.53 -10.27 -17.20
C ALA B 549 18.07 -10.86 -18.49
N PRO B 550 17.73 -12.13 -18.79
CA PRO B 550 18.18 -12.83 -19.99
C PRO B 550 17.72 -12.19 -21.30
N GLN B 551 16.47 -11.75 -21.31
CA GLN B 551 15.87 -11.15 -22.50
C GLN B 551 16.19 -9.67 -22.75
N ALA B 552 16.58 -9.39 -23.99
CA ALA B 552 16.90 -8.04 -24.39
C ALA B 552 15.63 -7.22 -24.35
N SER B 553 15.74 -5.94 -24.01
CA SER B 553 14.58 -5.06 -23.98
C SER B 553 15.05 -3.63 -23.95
N THR B 554 14.10 -2.69 -24.09
CA THR B 554 14.42 -1.28 -24.10
C THR B 554 13.68 -0.56 -22.99
N TYR B 555 14.43 0.10 -22.11
CA TYR B 555 13.81 0.82 -21.01
C TYR B 555 13.65 2.29 -21.32
N ARG B 556 12.52 2.85 -20.90
CA ARG B 556 12.27 4.26 -21.09
C ARG B 556 12.28 4.88 -19.71
N ALA B 557 12.73 6.13 -19.63
CA ALA B 557 12.77 6.81 -18.35
C ALA B 557 11.56 7.71 -18.16
N MET B 558 11.13 7.82 -16.92
CA MET B 558 10.00 8.64 -16.58
C MET B 558 10.42 9.34 -15.31
N ILE B 559 10.16 10.64 -15.26
CA ILE B 559 10.53 11.41 -14.11
C ILE B 559 9.34 12.12 -13.52
N SER B 560 9.35 12.26 -12.20
CA SER B 560 8.30 12.95 -11.50
C SER B 560 9.01 13.86 -10.52
N ALA B 561 8.85 15.16 -10.74
CA ALA B 561 9.48 16.18 -9.92
C ALA B 561 8.46 17.21 -9.47
N PRO B 562 8.78 17.95 -8.41
CA PRO B 562 7.86 18.97 -7.89
C PRO B 562 8.15 20.28 -8.61
N GLN B 563 7.32 21.28 -8.37
CA GLN B 563 7.53 22.57 -9.01
C GLN B 563 8.78 23.23 -8.41
N GLY B 564 9.62 23.77 -9.28
CA GLY B 564 10.83 24.41 -8.82
C GLY B 564 12.08 23.63 -9.20
N LEU B 565 11.89 22.43 -9.74
CA LEU B 565 13.01 21.60 -10.15
C LEU B 565 12.88 21.07 -11.57
N THR B 566 13.98 21.12 -12.32
CA THR B 566 14.00 20.63 -13.67
C THR B 566 14.85 19.36 -13.67
N ILE B 567 14.24 18.24 -14.04
CA ILE B 567 14.96 16.98 -14.06
C ILE B 567 14.87 16.31 -15.42
N SER B 568 16.00 16.20 -16.09
CA SER B 568 16.08 15.57 -17.39
C SER B 568 17.03 14.41 -17.22
N VAL B 569 17.14 13.54 -18.22
CA VAL B 569 18.02 12.39 -18.09
C VAL B 569 18.49 11.98 -19.48
N ASN B 570 19.81 11.90 -19.67
CA ASN B 570 20.35 11.56 -20.97
C ASN B 570 21.31 10.37 -20.92
N PRO B 571 21.04 9.32 -21.72
CA PRO B 571 19.89 9.22 -22.62
C PRO B 571 18.61 9.04 -21.80
N ASN B 572 17.47 8.96 -22.47
CA ASN B 572 16.23 8.76 -21.74
C ASN B 572 15.52 7.53 -22.29
N VAL B 573 16.32 6.70 -22.95
CA VAL B 573 15.88 5.44 -23.54
C VAL B 573 17.16 4.64 -23.66
N LEU B 574 17.18 3.43 -23.09
CA LEU B 574 18.35 2.57 -23.11
C LEU B 574 17.95 1.16 -23.54
N SER B 575 18.78 0.52 -24.36
CA SER B 575 18.49 -0.82 -24.82
C SER B 575 19.55 -1.81 -24.40
N PHE B 576 19.13 -2.97 -23.93
CA PHE B 576 20.08 -3.97 -23.49
C PHE B 576 20.06 -5.20 -24.35
N ASN B 577 21.24 -5.63 -24.77
CA ASN B 577 21.43 -6.80 -25.62
C ASN B 577 21.04 -8.09 -24.91
N GLY B 578 21.39 -8.18 -23.63
CA GLY B 578 21.07 -9.38 -22.88
C GLY B 578 21.75 -9.42 -21.52
N LEU B 579 21.89 -10.63 -20.97
CA LEU B 579 22.49 -10.79 -19.66
C LEU B 579 23.84 -10.11 -19.48
N GLY B 580 23.89 -9.16 -18.56
CA GLY B 580 25.14 -8.46 -18.30
C GLY B 580 25.44 -7.24 -19.13
N ASP B 581 24.51 -6.82 -19.97
CA ASP B 581 24.76 -5.66 -20.79
C ASP B 581 24.85 -4.38 -19.94
N ARG B 582 25.81 -3.53 -20.27
CA ARG B 582 26.04 -2.28 -19.55
C ARG B 582 25.61 -1.05 -20.36
N LYS B 583 25.03 -0.08 -19.68
CA LYS B 583 24.58 1.15 -20.32
C LYS B 583 24.65 2.25 -19.26
N SER B 584 25.01 3.46 -19.68
CA SER B 584 25.14 4.58 -18.75
C SER B 584 24.28 5.80 -19.09
N PHE B 585 24.08 6.69 -18.13
CA PHE B 585 23.26 7.87 -18.36
C PHE B 585 23.60 8.99 -17.40
N THR B 586 23.07 10.18 -17.69
CA THR B 586 23.31 11.34 -16.84
C THR B 586 22.03 11.98 -16.34
N LEU B 587 21.91 12.13 -15.04
CA LEU B 587 20.74 12.75 -14.44
C LEU B 587 21.11 14.20 -14.20
N THR B 588 20.27 15.12 -14.65
CA THR B 588 20.54 16.54 -14.46
C THR B 588 19.45 17.16 -13.61
N VAL B 589 19.85 17.85 -12.54
CA VAL B 589 18.90 18.48 -11.63
C VAL B 589 19.25 19.95 -11.42
N ARG B 590 18.33 20.84 -11.75
CA ARG B 590 18.55 22.27 -11.56
C ARG B 590 17.32 22.86 -10.93
N GLY B 591 17.45 24.08 -10.41
CA GLY B 591 16.32 24.73 -9.79
C GLY B 591 16.65 25.32 -8.43
N SER B 592 15.61 25.51 -7.63
CA SER B 592 15.77 26.07 -6.30
C SER B 592 14.75 25.45 -5.38
N ILE B 593 15.10 25.34 -4.10
CA ILE B 593 14.19 24.79 -3.11
C ILE B 593 14.18 25.74 -1.93
N LYS B 594 13.06 25.78 -1.23
CA LYS B 594 12.94 26.68 -0.09
C LYS B 594 12.57 25.92 1.17
N GLY B 595 12.61 24.59 1.08
CA GLY B 595 12.29 23.74 2.21
C GLY B 595 13.47 22.88 2.64
N PHE B 596 13.28 22.08 3.69
CA PHE B 596 14.34 21.21 4.18
C PHE B 596 14.54 20.02 3.25
N VAL B 597 13.45 19.33 2.94
CA VAL B 597 13.51 18.16 2.09
C VAL B 597 12.56 18.21 0.89
N VAL B 598 13.11 18.02 -0.31
CA VAL B 598 12.32 18.01 -1.54
C VAL B 598 12.58 16.66 -2.22
N SER B 599 11.50 15.95 -2.56
CA SER B 599 11.63 14.64 -3.18
C SER B 599 11.15 14.56 -4.62
N ALA B 600 11.81 13.71 -5.39
CA ALA B 600 11.48 13.47 -6.79
C ALA B 600 11.80 11.99 -7.05
N SER B 601 11.49 11.49 -8.24
CA SER B 601 11.77 10.09 -8.54
C SER B 601 12.17 9.87 -9.98
N LEU B 602 12.94 8.81 -10.18
CA LEU B 602 13.40 8.43 -11.51
C LEU B 602 13.09 6.94 -11.66
N VAL B 603 12.34 6.61 -12.71
CA VAL B 603 11.99 5.23 -12.95
C VAL B 603 12.41 4.79 -14.34
N TRP B 604 13.10 3.67 -14.43
CA TRP B 604 13.48 3.12 -15.73
C TRP B 604 12.49 1.99 -15.87
N SER B 605 11.90 1.83 -17.05
CA SER B 605 10.91 0.77 -17.24
C SER B 605 10.82 0.18 -18.64
N ASP B 606 10.62 -1.12 -18.72
CA ASP B 606 10.51 -1.75 -20.03
C ASP B 606 9.16 -2.44 -20.14
N GLY B 607 8.19 -1.95 -19.36
CA GLY B 607 6.85 -2.51 -19.38
C GLY B 607 6.67 -3.75 -18.52
N VAL B 608 7.76 -4.38 -18.12
CA VAL B 608 7.70 -5.55 -17.26
C VAL B 608 8.46 -5.26 -15.97
N HIS B 609 9.60 -4.59 -16.11
CA HIS B 609 10.44 -4.23 -14.97
C HIS B 609 10.31 -2.74 -14.66
N TYR B 610 10.45 -2.40 -13.39
CA TYR B 610 10.38 -1.01 -12.97
C TYR B 610 11.57 -0.81 -12.03
N VAL B 611 12.57 -0.07 -12.51
CA VAL B 611 13.78 0.20 -11.73
C VAL B 611 13.63 1.62 -11.21
N ARG B 612 13.22 1.77 -9.96
CA ARG B 612 13.01 3.09 -9.36
C ARG B 612 14.12 3.59 -8.44
N SER B 613 14.45 4.88 -8.59
CA SER B 613 15.47 5.53 -7.80
C SER B 613 14.97 6.89 -7.36
N PRO B 614 14.92 7.15 -6.03
CA PRO B 614 14.45 8.44 -5.50
C PRO B 614 15.51 9.55 -5.61
N ILE B 615 15.05 10.79 -5.75
CA ILE B 615 15.95 11.94 -5.86
C ILE B 615 15.63 12.89 -4.72
N THR B 616 16.60 13.09 -3.82
CA THR B 616 16.39 13.95 -2.66
C THR B 616 17.28 15.16 -2.64
N ILE B 617 16.69 16.30 -2.34
CA ILE B 617 17.42 17.54 -2.27
C ILE B 617 17.19 18.10 -0.87
N THR B 618 18.29 18.49 -0.20
CA THR B 618 18.19 19.02 1.14
C THR B 618 18.93 20.32 1.33
N SER B 619 18.36 21.16 2.18
CA SER B 619 18.95 22.45 2.52
C SER B 619 19.21 22.41 4.03
N LEU B 620 19.59 21.25 4.53
CA LEU B 620 19.89 21.07 5.95
C LEU B 620 21.40 21.22 6.12
#